data_6H71
#
_entry.id   6H71
#
_cell.length_a   94.890
_cell.length_b   111.060
_cell.length_c   122.460
_cell.angle_alpha   90.00
_cell.angle_beta   99.81
_cell.angle_gamma   90.00
#
_symmetry.space_group_name_H-M   'C 1 2 1'
#
loop_
_entity.id
_entity.type
_entity.pdbx_description
1 polymer 'Capsid protein VP1'
2 polymer 'Nanobody (VHH) Nano-94'
3 non-polymer 1,2-ETHANEDIOL
4 water water
#
loop_
_entity_poly.entity_id
_entity_poly.type
_entity_poly.pdbx_seq_one_letter_code
_entity_poly.pdbx_strand_id
1 'polypeptide(L)'
;KTRPFTLPNLPLSSLSNSRAPLPISSIGISPDNVQSVQFQNGRCTLDGRLVGTTPVSLSHVAKIRGTSNGTVINLTELDG
TPFHPFEGPAPIGFPDLGGCDWHINMTQFGHSSQTQYDVDTTPDTFVPHLGSIQANGIGSGNYVGVLSWISPPSHPSGSQ
VDLWKIPNYGSSITEATHLAPSVYPPGFGEVLVFFMSKMPGPGAYNLPCLLPQEYISHLASEQAPTVGEAALLHYVDPDT
GRNLGEFKAYPDGFLTCVPNGASSGPQQLPINGVFVFVSWVSRFYQLKPVGT
;
A,B
2 'polypeptide(L)'
;QVQLQESGGGLVQAGGSLRLSCAASGRMFSINSMGWYRQAPGKERELVATISEAGTTTYADSVRGRFTIARDNAKNTVYL
QMNSLNPEDTAVYYCNAYIQLDSTIWFRAYWGQGTQVTVSSGRYPYDVPDYGSGRA
;
C,D
#
loop_
_chem_comp.id
_chem_comp.type
_chem_comp.name
_chem_comp.formula
EDO non-polymer 1,2-ETHANEDIOL 'C2 H6 O2'
#
# COMPACT_ATOMS: atom_id res chain seq x y z
N ARG A 3 15.78 -11.44 -29.62
CA ARG A 3 15.63 -10.64 -28.41
C ARG A 3 16.48 -11.21 -27.27
N PRO A 4 17.62 -10.57 -27.01
CA PRO A 4 18.52 -11.08 -25.97
C PRO A 4 17.90 -10.97 -24.58
N PHE A 5 18.14 -12.00 -23.77
CA PHE A 5 17.62 -12.04 -22.41
C PHE A 5 18.41 -11.11 -21.50
N THR A 6 17.70 -10.41 -20.62
CA THR A 6 18.32 -9.49 -19.67
C THR A 6 17.52 -9.49 -18.37
N LEU A 7 18.20 -9.10 -17.31
CA LEU A 7 17.59 -8.81 -16.02
C LEU A 7 17.77 -7.33 -15.71
N PRO A 8 16.90 -6.75 -14.88
CA PRO A 8 17.00 -5.31 -14.61
C PRO A 8 18.35 -4.94 -14.01
N ASN A 9 18.89 -3.82 -14.49
CA ASN A 9 20.15 -3.29 -14.00
C ASN A 9 19.88 -2.35 -12.82
N LEU A 10 19.38 -2.96 -11.74
CA LEU A 10 18.97 -2.25 -10.54
C LEU A 10 19.42 -3.04 -9.32
N PRO A 11 19.84 -2.37 -8.26
CA PRO A 11 20.23 -3.10 -7.04
C PRO A 11 19.02 -3.72 -6.36
N LEU A 12 19.24 -4.89 -5.77
CA LEU A 12 18.14 -5.61 -5.12
C LEU A 12 17.54 -4.79 -3.99
N SER A 13 18.38 -4.06 -3.25
CA SER A 13 17.89 -3.25 -2.13
C SER A 13 16.93 -2.16 -2.58
N SER A 14 16.83 -1.90 -3.88
CA SER A 14 15.94 -0.87 -4.41
C SER A 14 14.68 -1.47 -5.04
N LEU A 15 14.49 -2.78 -4.95
CA LEU A 15 13.34 -3.43 -5.54
C LEU A 15 12.34 -3.85 -4.45
N SER A 16 11.22 -4.41 -4.89
CA SER A 16 10.11 -4.73 -4.01
C SER A 16 9.85 -6.23 -3.99
N ASN A 17 9.21 -6.68 -2.91
CA ASN A 17 8.73 -8.04 -2.82
C ASN A 17 7.56 -8.23 -3.79
N SER A 18 7.34 -9.47 -4.23
CA SER A 18 6.28 -9.77 -5.17
C SER A 18 5.06 -10.41 -4.52
N ARG A 19 5.07 -10.57 -3.20
CA ARG A 19 3.95 -11.13 -2.47
C ARG A 19 3.30 -10.10 -1.55
N ALA A 20 3.88 -8.92 -1.42
CA ALA A 20 3.35 -7.79 -0.65
C ALA A 20 4.14 -6.55 -1.06
N PRO A 21 3.55 -5.37 -1.00
CA PRO A 21 4.30 -4.16 -1.39
C PRO A 21 5.29 -3.73 -0.31
N LEU A 22 6.41 -4.45 -0.25
CA LEU A 22 7.44 -4.22 0.75
C LEU A 22 8.80 -4.23 0.08
N PRO A 23 9.73 -3.38 0.53
CA PRO A 23 11.06 -3.37 -0.07
C PRO A 23 11.83 -4.63 0.31
N ILE A 24 12.73 -5.03 -0.57
CA ILE A 24 13.56 -6.20 -0.34
C ILE A 24 14.72 -5.83 0.57
N SER A 25 14.90 -6.58 1.66
CA SER A 25 15.93 -6.31 2.64
C SER A 25 17.01 -7.38 2.75
N SER A 26 16.82 -8.56 2.18
CA SER A 26 17.86 -9.58 2.24
C SER A 26 17.63 -10.65 1.18
N ILE A 27 18.70 -11.39 0.91
CA ILE A 27 18.65 -12.62 0.12
C ILE A 27 18.70 -13.78 1.10
N GLY A 28 17.92 -14.81 0.84
CA GLY A 28 17.92 -15.93 1.76
C GLY A 28 17.65 -17.26 1.09
N ILE A 29 17.76 -18.32 1.89
CA ILE A 29 17.39 -19.66 1.51
C ILE A 29 16.39 -20.18 2.53
N SER A 30 15.66 -21.21 2.14
CA SER A 30 14.63 -21.76 3.01
C SER A 30 15.26 -22.57 4.13
N PRO A 31 14.54 -22.79 5.23
CA PRO A 31 15.04 -23.71 6.25
C PRO A 31 15.13 -25.13 5.70
N ASP A 32 15.87 -25.97 6.41
CA ASP A 32 16.06 -27.36 5.98
C ASP A 32 14.73 -28.07 5.76
N ASN A 33 13.79 -27.89 6.69
CA ASN A 33 12.51 -28.57 6.62
C ASN A 33 11.58 -28.02 5.53
N VAL A 34 12.00 -26.99 4.81
CA VAL A 34 11.19 -26.43 3.72
C VAL A 34 11.82 -26.88 2.41
N GLN A 35 11.11 -27.75 1.71
CA GLN A 35 11.58 -28.24 0.41
C GLN A 35 10.96 -27.41 -0.70
N SER A 36 9.76 -27.78 -1.12
CA SER A 36 9.07 -27.07 -2.18
C SER A 36 8.31 -25.87 -1.63
N VAL A 37 7.97 -24.96 -2.55
CA VAL A 37 7.12 -23.80 -2.27
C VAL A 37 6.14 -23.68 -3.42
N GLN A 38 4.95 -23.19 -3.11
CA GLN A 38 3.90 -23.07 -4.11
C GLN A 38 3.29 -21.68 -4.10
N PHE A 39 4.13 -20.65 -4.03
CA PHE A 39 3.64 -19.27 -4.06
C PHE A 39 2.81 -19.04 -5.32
N GLN A 40 1.66 -18.37 -5.14
CA GLN A 40 0.81 -18.04 -6.27
C GLN A 40 1.06 -16.64 -6.81
N ASN A 41 1.67 -15.77 -6.02
CA ASN A 41 2.10 -14.45 -6.45
C ASN A 41 3.61 -14.47 -6.65
N GLY A 42 4.09 -13.57 -7.50
CA GLY A 42 5.51 -13.54 -7.79
C GLY A 42 5.96 -14.69 -8.68
N ARG A 43 5.12 -15.09 -9.62
CA ARG A 43 5.41 -16.22 -10.50
C ARG A 43 5.36 -15.74 -11.94
N CYS A 44 6.51 -15.82 -12.61
CA CYS A 44 6.61 -15.42 -14.01
C CYS A 44 7.72 -16.25 -14.66
N THR A 45 7.47 -16.69 -15.88
CA THR A 45 8.49 -17.44 -16.59
C THR A 45 9.55 -16.48 -17.15
N LEU A 46 10.68 -17.07 -17.58
CA LEU A 46 11.77 -16.26 -18.11
C LEU A 46 11.41 -15.57 -19.42
N ASP A 47 10.40 -16.05 -20.14
CA ASP A 47 9.93 -15.40 -21.35
C ASP A 47 8.69 -14.53 -21.10
N GLY A 48 8.41 -14.20 -19.85
CA GLY A 48 7.41 -13.20 -19.54
C GLY A 48 5.97 -13.66 -19.51
N ARG A 49 5.72 -14.90 -19.09
CA ARG A 49 4.36 -15.41 -18.95
C ARG A 49 4.02 -15.46 -17.47
N LEU A 50 3.00 -14.71 -17.07
CA LEU A 50 2.62 -14.67 -15.66
C LEU A 50 1.86 -15.92 -15.27
N VAL A 51 2.14 -16.43 -14.07
CA VAL A 51 1.56 -17.67 -13.59
C VAL A 51 0.85 -17.40 -12.27
N GLY A 52 -0.11 -18.25 -11.96
CA GLY A 52 -0.83 -18.13 -10.70
C GLY A 52 -1.73 -16.93 -10.72
N THR A 53 -1.62 -16.10 -9.68
CA THR A 53 -2.36 -14.84 -9.58
C THR A 53 -1.45 -13.63 -9.73
N THR A 54 -0.23 -13.84 -10.22
CA THR A 54 0.76 -12.78 -10.30
C THR A 54 0.28 -11.66 -11.22
N PRO A 55 0.29 -10.41 -10.76
CA PRO A 55 0.00 -9.28 -11.64
C PRO A 55 1.28 -8.69 -12.21
N VAL A 56 1.11 -7.81 -13.19
CA VAL A 56 2.26 -7.14 -13.80
C VAL A 56 2.84 -6.09 -12.85
N SER A 57 1.99 -5.30 -12.21
CA SER A 57 2.42 -4.18 -11.40
C SER A 57 2.20 -4.46 -9.93
N LEU A 58 3.00 -3.78 -9.09
CA LEU A 58 2.89 -3.92 -7.64
C LEU A 58 1.63 -3.29 -7.09
N SER A 59 0.96 -2.43 -7.85
CA SER A 59 -0.28 -1.81 -7.38
C SER A 59 -1.45 -2.79 -7.33
N HIS A 60 -1.25 -4.01 -7.82
CA HIS A 60 -2.26 -5.07 -7.72
C HIS A 60 -1.87 -6.14 -6.71
N VAL A 61 -0.65 -6.09 -6.17
CA VAL A 61 -0.14 -7.17 -5.33
C VAL A 61 -0.79 -7.12 -3.95
N ALA A 62 -1.22 -8.29 -3.48
CA ALA A 62 -1.79 -8.47 -2.13
C ALA A 62 -2.98 -7.55 -1.88
N LYS A 63 -3.87 -7.48 -2.86
CA LYS A 63 -5.05 -6.64 -2.77
C LYS A 63 -6.31 -7.46 -3.02
N ILE A 64 -7.44 -6.90 -2.58
CA ILE A 64 -8.75 -7.52 -2.76
C ILE A 64 -9.75 -6.43 -3.14
N ARG A 65 -10.83 -6.86 -3.80
CA ARG A 65 -11.91 -5.95 -4.17
C ARG A 65 -13.21 -6.74 -4.22
N GLY A 66 -14.25 -6.21 -3.60
CA GLY A 66 -15.53 -6.91 -3.60
C GLY A 66 -16.60 -6.13 -2.89
N THR A 67 -17.77 -6.76 -2.80
CA THR A 67 -18.96 -6.19 -2.18
C THR A 67 -19.35 -7.04 -0.99
N SER A 68 -19.41 -6.43 0.18
CA SER A 68 -19.86 -7.11 1.38
C SER A 68 -21.36 -6.88 1.58
N ASN A 69 -22.02 -7.88 2.15
CA ASN A 69 -23.43 -7.77 2.51
C ASN A 69 -23.65 -7.95 4.01
N GLY A 70 -22.59 -7.86 4.81
CA GLY A 70 -22.65 -8.10 6.23
C GLY A 70 -22.17 -9.48 6.64
N THR A 71 -22.29 -10.47 5.75
CA THR A 71 -21.90 -11.85 6.05
C THR A 71 -20.77 -12.37 5.16
N VAL A 72 -20.83 -12.14 3.85
CA VAL A 72 -19.78 -12.56 2.93
C VAL A 72 -19.37 -11.37 2.07
N ILE A 73 -18.14 -11.43 1.58
CA ILE A 73 -17.61 -10.50 0.60
C ILE A 73 -17.52 -11.22 -0.74
N ASN A 74 -18.33 -10.78 -1.70
CA ASN A 74 -18.28 -11.33 -3.05
C ASN A 74 -17.19 -10.60 -3.82
N LEU A 75 -16.15 -11.33 -4.21
CA LEU A 75 -14.98 -10.71 -4.80
C LEU A 75 -15.16 -10.48 -6.30
N THR A 76 -14.42 -9.49 -6.80
CA THR A 76 -14.29 -9.23 -8.22
C THR A 76 -12.81 -9.10 -8.52
N GLU A 77 -12.47 -8.83 -9.78
CA GLU A 77 -11.09 -8.48 -10.06
C GLU A 77 -10.84 -7.04 -9.63
N LEU A 78 -9.57 -6.69 -9.47
CA LEU A 78 -9.22 -5.40 -8.90
C LEU A 78 -9.72 -4.23 -9.74
N ASP A 79 -9.92 -4.41 -11.05
CA ASP A 79 -10.48 -3.34 -11.85
C ASP A 79 -12.00 -3.29 -11.79
N GLY A 80 -12.63 -4.13 -10.98
CA GLY A 80 -14.08 -4.14 -10.84
C GLY A 80 -14.81 -5.08 -11.77
N THR A 81 -14.10 -5.74 -12.69
CA THR A 81 -14.72 -6.71 -13.59
C THR A 81 -14.95 -8.03 -12.86
N PRO A 82 -15.93 -8.83 -13.29
CA PRO A 82 -16.27 -10.05 -12.55
C PRO A 82 -15.13 -11.06 -12.53
N PHE A 83 -15.01 -11.76 -11.41
CA PHE A 83 -14.07 -12.85 -11.27
C PHE A 83 -14.71 -14.15 -11.74
N HIS A 84 -14.01 -14.88 -12.61
CA HIS A 84 -14.53 -16.12 -13.17
C HIS A 84 -13.84 -17.31 -12.52
N PRO A 85 -14.54 -18.11 -11.73
CA PRO A 85 -13.91 -19.21 -11.01
C PRO A 85 -13.38 -20.30 -11.94
N PHE A 86 -12.47 -21.11 -11.40
CA PHE A 86 -11.86 -22.27 -12.02
C PHE A 86 -10.91 -21.93 -13.15
N GLU A 87 -10.54 -20.67 -13.31
CA GLU A 87 -9.41 -20.29 -14.15
C GLU A 87 -8.16 -20.00 -13.33
N GLY A 88 -8.28 -20.04 -12.00
CA GLY A 88 -7.19 -19.81 -11.09
C GLY A 88 -7.65 -19.94 -9.66
N PRO A 89 -6.72 -19.86 -8.71
CA PRO A 89 -7.11 -20.02 -7.29
C PRO A 89 -7.80 -18.81 -6.70
N ALA A 90 -7.68 -17.64 -7.31
CA ALA A 90 -8.28 -16.42 -6.80
C ALA A 90 -8.17 -15.32 -7.84
N PRO A 91 -8.79 -14.15 -7.62
CA PRO A 91 -8.57 -13.03 -8.55
C PRO A 91 -7.12 -12.57 -8.50
N ILE A 92 -6.67 -12.01 -9.63
CA ILE A 92 -5.30 -11.52 -9.77
C ILE A 92 -4.95 -10.62 -8.60
N GLY A 93 -3.78 -10.86 -8.01
CA GLY A 93 -3.29 -10.04 -6.92
C GLY A 93 -3.74 -10.45 -5.54
N PHE A 94 -4.65 -11.41 -5.44
CA PHE A 94 -5.12 -11.87 -4.13
C PHE A 94 -3.95 -12.33 -3.28
N PRO A 95 -3.94 -12.01 -1.98
CA PRO A 95 -2.83 -12.42 -1.13
C PRO A 95 -2.69 -13.93 -1.09
N ASP A 96 -1.44 -14.39 -1.07
CA ASP A 96 -1.13 -15.83 -1.05
C ASP A 96 -0.30 -16.20 0.18
N LEU A 97 -0.43 -15.43 1.25
CA LEU A 97 0.35 -15.65 2.48
C LEU A 97 -0.37 -16.67 3.35
N GLY A 98 0.14 -17.89 3.39
CA GLY A 98 -0.38 -18.89 4.29
C GLY A 98 0.28 -18.82 5.66
N GLY A 99 -0.25 -19.61 6.58
CA GLY A 99 0.34 -19.70 7.91
C GLY A 99 0.29 -18.40 8.70
N CYS A 100 -0.73 -17.58 8.51
CA CYS A 100 -0.89 -16.36 9.29
C CYS A 100 -2.32 -15.87 9.16
N ASP A 101 -2.68 -14.93 10.03
CA ASP A 101 -3.93 -14.20 9.93
C ASP A 101 -3.67 -12.89 9.18
N TRP A 102 -4.59 -12.53 8.30
CA TRP A 102 -4.46 -11.33 7.49
C TRP A 102 -5.20 -10.17 8.15
N HIS A 103 -4.61 -8.99 8.06
CA HIS A 103 -5.24 -7.74 8.47
C HIS A 103 -5.17 -6.78 7.30
N ILE A 104 -6.30 -6.56 6.64
CA ILE A 104 -6.37 -5.83 5.37
C ILE A 104 -7.01 -4.49 5.63
N ASN A 105 -6.40 -3.42 5.08
CA ASN A 105 -6.92 -2.07 5.21
C ASN A 105 -7.90 -1.80 4.08
N MET A 106 -9.17 -1.59 4.41
CA MET A 106 -10.22 -1.40 3.42
C MET A 106 -10.54 0.08 3.29
N THR A 107 -10.63 0.54 2.04
CA THR A 107 -11.02 1.91 1.73
C THR A 107 -12.11 1.85 0.66
N GLN A 108 -12.70 3.01 0.37
CA GLN A 108 -13.79 3.08 -0.59
C GLN A 108 -13.61 4.29 -1.50
N PHE A 109 -14.12 4.16 -2.72
CA PHE A 109 -14.15 5.26 -3.66
C PHE A 109 -15.43 6.05 -3.44
N GLY A 110 -15.30 7.31 -3.01
CA GLY A 110 -16.45 8.15 -2.77
C GLY A 110 -16.85 8.27 -1.31
N HIS A 111 -16.17 7.58 -0.40
CA HIS A 111 -16.50 7.62 1.01
C HIS A 111 -15.23 7.79 1.83
N SER A 112 -15.40 8.18 3.08
CA SER A 112 -14.29 8.46 3.97
C SER A 112 -13.89 7.21 4.75
N SER A 113 -12.83 7.35 5.56
CA SER A 113 -12.36 6.37 6.53
C SER A 113 -11.82 5.07 5.95
N GLN A 114 -11.12 4.33 6.79
CA GLN A 114 -10.54 3.02 6.48
C GLN A 114 -10.96 2.04 7.57
N THR A 115 -11.04 0.76 7.21
CA THR A 115 -11.48 -0.27 8.15
C THR A 115 -10.54 -1.46 8.09
N GLN A 116 -10.15 -1.96 9.25
CA GLN A 116 -9.31 -3.16 9.32
C GLN A 116 -10.16 -4.41 9.13
N TYR A 117 -9.78 -5.23 8.16
CA TYR A 117 -10.48 -6.47 7.84
C TYR A 117 -9.61 -7.63 8.33
N ASP A 118 -10.12 -8.36 9.32
CA ASP A 118 -9.38 -9.46 9.93
C ASP A 118 -9.78 -10.76 9.24
N VAL A 119 -8.82 -11.42 8.60
CA VAL A 119 -9.08 -12.57 7.73
C VAL A 119 -8.45 -13.81 8.34
N ASP A 120 -9.30 -14.80 8.64
CA ASP A 120 -8.85 -16.16 8.94
C ASP A 120 -9.01 -16.98 7.66
N THR A 121 -7.93 -17.64 7.25
CA THR A 121 -7.92 -18.36 5.98
C THR A 121 -8.25 -19.84 6.12
N THR A 122 -8.65 -20.28 7.32
CA THR A 122 -8.98 -21.69 7.55
C THR A 122 -10.48 -22.03 7.53
N PRO A 123 -11.42 -21.14 7.86
CA PRO A 123 -12.81 -21.56 7.96
C PRO A 123 -13.41 -21.95 6.61
N ASP A 124 -14.49 -22.71 6.69
CA ASP A 124 -15.20 -23.15 5.49
C ASP A 124 -15.76 -22.00 4.68
N THR A 125 -15.98 -20.84 5.30
CA THR A 125 -16.45 -19.66 4.59
C THR A 125 -15.40 -19.10 3.63
N PHE A 126 -14.11 -19.35 3.88
CA PHE A 126 -13.02 -18.80 3.08
C PHE A 126 -12.90 -19.60 1.79
N VAL A 127 -13.57 -19.12 0.74
CA VAL A 127 -13.55 -19.78 -0.57
C VAL A 127 -13.21 -18.76 -1.65
N PRO A 128 -12.00 -18.21 -1.68
CA PRO A 128 -11.66 -17.23 -2.73
C PRO A 128 -11.68 -17.81 -4.14
N HIS A 129 -11.48 -19.12 -4.31
CA HIS A 129 -11.51 -19.69 -5.65
C HIS A 129 -12.93 -19.74 -6.22
N LEU A 130 -13.94 -19.60 -5.37
CA LEU A 130 -15.32 -19.41 -5.81
C LEU A 130 -15.79 -17.97 -5.65
N GLY A 131 -14.89 -17.06 -5.26
CA GLY A 131 -15.20 -15.65 -5.22
C GLY A 131 -15.86 -15.15 -3.96
N SER A 132 -15.80 -15.89 -2.86
CA SER A 132 -16.52 -15.53 -1.65
C SER A 132 -15.64 -15.79 -0.43
N ILE A 133 -15.57 -14.79 0.46
CA ILE A 133 -14.90 -14.93 1.75
C ILE A 133 -15.76 -14.26 2.81
N GLN A 134 -15.61 -14.72 4.05
CA GLN A 134 -16.43 -14.22 5.14
C GLN A 134 -16.15 -12.74 5.38
N ALA A 135 -17.23 -11.97 5.62
CA ALA A 135 -17.07 -10.55 5.88
C ALA A 135 -16.44 -10.28 7.24
N ASN A 136 -16.75 -11.12 8.23
CA ASN A 136 -16.21 -11.00 9.59
C ASN A 136 -16.39 -9.58 10.13
N GLY A 137 -17.62 -9.08 10.04
CA GLY A 137 -17.98 -7.81 10.63
C GLY A 137 -17.95 -6.63 9.68
N ILE A 138 -17.40 -6.78 8.48
CA ILE A 138 -17.33 -5.67 7.55
C ILE A 138 -18.73 -5.36 7.04
N GLY A 139 -19.17 -4.11 7.23
CA GLY A 139 -20.51 -3.72 6.83
C GLY A 139 -20.70 -3.73 5.33
N SER A 140 -21.97 -3.75 4.93
CA SER A 140 -22.31 -3.78 3.51
C SER A 140 -21.72 -2.59 2.78
N GLY A 141 -21.27 -2.84 1.55
CA GLY A 141 -20.67 -1.81 0.73
C GLY A 141 -19.62 -2.39 -0.19
N ASN A 142 -19.11 -1.53 -1.08
CA ASN A 142 -18.06 -1.88 -2.01
C ASN A 142 -16.72 -1.39 -1.46
N TYR A 143 -15.72 -2.26 -1.46
CA TYR A 143 -14.42 -1.92 -0.89
C TYR A 143 -13.29 -2.32 -1.81
N VAL A 144 -12.14 -1.69 -1.58
CA VAL A 144 -10.85 -2.13 -2.09
C VAL A 144 -9.92 -2.19 -0.90
N GLY A 145 -9.16 -3.29 -0.78
CA GLY A 145 -8.33 -3.50 0.36
C GLY A 145 -6.93 -3.93 -0.03
N VAL A 146 -5.99 -3.67 0.88
CA VAL A 146 -4.60 -4.04 0.70
C VAL A 146 -4.09 -4.61 2.03
N LEU A 147 -3.26 -5.64 1.93
CA LEU A 147 -2.69 -6.25 3.13
C LEU A 147 -1.86 -5.23 3.88
N SER A 148 -2.11 -5.12 5.19
CA SER A 148 -1.46 -4.13 6.03
C SER A 148 -0.49 -4.74 7.02
N TRP A 149 -0.89 -5.77 7.74
CA TRP A 149 -0.01 -6.46 8.67
C TRP A 149 -0.58 -7.85 8.93
N ILE A 150 0.27 -8.71 9.48
CA ILE A 150 -0.11 -10.10 9.75
C ILE A 150 0.15 -10.44 11.20
N SER A 151 -0.46 -11.55 11.64
CA SER A 151 -0.37 -12.01 13.01
C SER A 151 -0.43 -13.53 12.98
N PRO A 152 -0.12 -14.20 14.09
CA PRO A 152 -0.14 -15.67 14.11
C PRO A 152 -1.50 -16.22 13.71
N PRO A 153 -1.50 -17.32 12.96
CA PRO A 153 -2.78 -17.90 12.51
C PRO A 153 -3.67 -18.28 13.69
N SER A 154 -4.96 -18.00 13.55
CA SER A 154 -5.91 -18.35 14.60
C SER A 154 -6.03 -19.86 14.74
N HIS A 155 -5.99 -20.58 13.62
CA HIS A 155 -6.08 -22.03 13.62
C HIS A 155 -4.99 -22.62 12.74
N PRO A 156 -4.30 -23.69 13.19
CA PRO A 156 -4.38 -24.30 14.53
C PRO A 156 -3.90 -23.36 15.63
N SER A 157 -4.68 -23.25 16.70
CA SER A 157 -4.35 -22.39 17.82
C SER A 157 -2.92 -22.63 18.30
N GLY A 158 -2.17 -21.54 18.46
CA GLY A 158 -0.80 -21.61 18.94
C GLY A 158 0.24 -21.84 17.88
N SER A 159 -0.16 -22.08 16.63
CA SER A 159 0.80 -22.30 15.56
C SER A 159 1.60 -21.02 15.28
N GLN A 160 2.85 -21.20 14.88
CA GLN A 160 3.72 -20.08 14.58
C GLN A 160 3.53 -19.65 13.13
N VAL A 161 3.85 -18.38 12.86
CA VAL A 161 3.73 -17.85 11.51
C VAL A 161 4.65 -18.62 10.58
N ASP A 162 4.13 -19.03 9.42
CA ASP A 162 4.89 -19.81 8.45
C ASP A 162 4.55 -19.24 7.07
N LEU A 163 5.36 -18.29 6.61
CA LEU A 163 5.12 -17.63 5.34
C LEU A 163 5.69 -18.41 4.16
N TRP A 164 6.21 -19.61 4.40
CA TRP A 164 6.61 -20.49 3.32
C TRP A 164 5.43 -21.22 2.70
N LYS A 165 4.22 -20.99 3.21
CA LYS A 165 3.03 -21.67 2.74
C LYS A 165 2.08 -20.70 2.06
N ILE A 166 1.18 -21.25 1.27
CA ILE A 166 0.07 -20.51 0.70
C ILE A 166 -1.19 -20.98 1.40
N PRO A 167 -2.28 -20.21 1.40
CA PRO A 167 -3.51 -20.67 2.04
C PRO A 167 -4.23 -21.69 1.18
N ASN A 168 -5.17 -22.40 1.81
CA ASN A 168 -6.07 -23.25 1.06
C ASN A 168 -7.18 -22.37 0.51
N TYR A 169 -7.30 -22.33 -0.81
CA TYR A 169 -8.23 -21.41 -1.45
C TYR A 169 -9.67 -21.89 -1.43
N GLY A 170 -9.97 -22.95 -0.69
CA GLY A 170 -11.34 -23.36 -0.48
C GLY A 170 -11.77 -24.65 -1.16
N SER A 171 -11.05 -25.74 -0.90
CA SER A 171 -11.39 -27.00 -1.53
C SER A 171 -10.87 -28.17 -0.70
N SER A 172 -11.47 -29.33 -0.93
CA SER A 172 -11.05 -30.59 -0.37
C SER A 172 -10.06 -31.33 -1.28
N ILE A 173 -9.92 -30.89 -2.52
CA ILE A 173 -9.04 -31.50 -3.51
C ILE A 173 -8.04 -30.43 -3.97
N THR A 174 -6.76 -30.77 -3.91
CA THR A 174 -5.71 -29.81 -4.28
C THR A 174 -5.88 -29.29 -5.70
N GLU A 175 -6.10 -30.20 -6.65
CA GLU A 175 -6.18 -29.82 -8.06
C GLU A 175 -7.38 -28.95 -8.38
N ALA A 176 -8.39 -28.90 -7.50
CA ALA A 176 -9.62 -28.17 -7.80
C ALA A 176 -9.39 -26.66 -7.91
N THR A 177 -8.38 -26.13 -7.23
CA THR A 177 -8.16 -24.69 -7.20
C THR A 177 -7.26 -24.20 -8.32
N HIS A 178 -6.68 -25.09 -9.13
CA HIS A 178 -5.85 -24.74 -10.27
C HIS A 178 -4.72 -23.78 -9.87
N LEU A 179 -3.93 -24.24 -8.91
CA LEU A 179 -2.81 -23.47 -8.41
C LEU A 179 -1.67 -23.48 -9.42
N ALA A 180 -0.76 -22.54 -9.25
CA ALA A 180 0.49 -22.62 -9.99
C ALA A 180 1.32 -23.76 -9.41
N PRO A 181 1.99 -24.55 -10.25
CA PRO A 181 2.68 -25.74 -9.74
C PRO A 181 3.78 -25.39 -8.76
N SER A 182 4.10 -26.35 -7.90
CA SER A 182 5.13 -26.17 -6.90
C SER A 182 6.50 -26.02 -7.56
N VAL A 183 7.40 -25.36 -6.83
CA VAL A 183 8.78 -25.18 -7.24
C VAL A 183 9.67 -25.95 -6.29
N TYR A 184 10.51 -26.83 -6.83
CA TYR A 184 11.37 -27.68 -6.02
C TYR A 184 12.83 -27.28 -6.20
N PRO A 185 13.64 -27.44 -5.16
CA PRO A 185 15.09 -27.29 -5.33
C PRO A 185 15.63 -28.37 -6.25
N PRO A 186 16.46 -28.01 -7.22
CA PRO A 186 16.91 -29.02 -8.21
C PRO A 186 17.78 -30.11 -7.62
N GLY A 187 18.37 -29.90 -6.45
CA GLY A 187 19.22 -30.92 -5.86
C GLY A 187 20.66 -30.72 -6.27
N PHE A 188 21.47 -31.75 -5.97
CA PHE A 188 22.89 -31.74 -6.31
C PHE A 188 23.57 -30.46 -5.84
N GLY A 189 23.24 -30.06 -4.61
CA GLY A 189 23.81 -28.89 -3.99
C GLY A 189 23.10 -27.57 -4.30
N GLU A 190 22.25 -27.53 -5.32
CA GLU A 190 21.54 -26.30 -5.65
C GLU A 190 20.33 -26.12 -4.74
N VAL A 191 20.18 -24.93 -4.17
CA VAL A 191 19.06 -24.59 -3.32
C VAL A 191 18.36 -23.37 -3.89
N LEU A 192 17.07 -23.24 -3.58
CA LEU A 192 16.29 -22.12 -4.08
C LEU A 192 16.71 -20.82 -3.41
N VAL A 193 16.68 -19.74 -4.18
CA VAL A 193 17.05 -18.41 -3.69
C VAL A 193 15.76 -17.60 -3.51
N PHE A 194 15.62 -16.98 -2.34
CA PHE A 194 14.44 -16.21 -2.00
C PHE A 194 14.82 -14.77 -1.68
N PHE A 195 13.96 -13.85 -2.07
CA PHE A 195 14.11 -12.42 -1.78
C PHE A 195 13.20 -12.07 -0.61
N MET A 196 13.79 -11.59 0.49
CA MET A 196 13.07 -11.43 1.73
C MET A 196 12.71 -9.97 1.98
N SER A 197 11.60 -9.78 2.67
CA SER A 197 11.14 -8.46 3.10
C SER A 197 10.60 -8.58 4.51
N LYS A 198 10.77 -7.52 5.29
CA LYS A 198 10.24 -7.49 6.65
C LYS A 198 8.77 -7.08 6.59
N MET A 199 7.91 -7.86 7.25
CA MET A 199 6.48 -7.63 7.20
C MET A 199 5.98 -7.14 8.54
N PRO A 200 5.24 -6.02 8.57
CA PRO A 200 4.75 -5.49 9.84
C PRO A 200 3.89 -6.49 10.58
N GLY A 201 3.98 -6.46 11.91
CA GLY A 201 3.25 -7.37 12.76
C GLY A 201 4.00 -7.68 14.04
N PRO A 202 3.33 -8.34 14.98
CA PRO A 202 3.94 -8.66 16.29
C PRO A 202 4.91 -9.83 16.22
N GLY A 203 6.00 -9.64 15.49
CA GLY A 203 6.99 -10.69 15.35
C GLY A 203 7.99 -10.32 14.28
N ALA A 204 9.06 -11.10 14.24
CA ALA A 204 10.14 -10.89 13.27
C ALA A 204 9.78 -11.64 11.97
N TYR A 205 8.79 -11.09 11.27
CA TYR A 205 8.24 -11.74 10.09
C TYR A 205 9.09 -11.40 8.87
N ASN A 206 9.49 -12.44 8.13
CA ASN A 206 10.28 -12.30 6.92
C ASN A 206 9.52 -12.98 5.79
N LEU A 207 9.09 -12.19 4.80
CA LEU A 207 8.24 -12.70 3.72
C LEU A 207 9.13 -13.08 2.54
N PRO A 208 9.22 -14.36 2.18
CA PRO A 208 10.03 -14.77 1.03
C PRO A 208 9.23 -14.78 -0.26
N CYS A 209 9.94 -14.46 -1.35
CA CYS A 209 9.36 -14.53 -2.68
C CYS A 209 10.44 -14.97 -3.66
N LEU A 210 10.00 -15.50 -4.80
CA LEU A 210 10.93 -16.10 -5.76
C LEU A 210 11.54 -15.06 -6.70
N LEU A 211 10.85 -13.95 -6.95
CA LEU A 211 11.32 -12.93 -7.88
C LEU A 211 10.87 -11.57 -7.38
N PRO A 212 11.72 -10.55 -7.47
CA PRO A 212 11.26 -9.19 -7.21
C PRO A 212 10.20 -8.78 -8.21
N GLN A 213 9.26 -7.94 -7.77
CA GLN A 213 8.18 -7.50 -8.64
C GLN A 213 8.73 -6.78 -9.86
N GLU A 214 9.80 -6.01 -9.69
CA GLU A 214 10.40 -5.30 -10.83
C GLU A 214 11.00 -6.28 -11.84
N TYR A 215 11.48 -7.43 -11.37
CA TYR A 215 11.90 -8.48 -12.30
C TYR A 215 10.73 -8.97 -13.13
N ILE A 216 9.57 -9.09 -12.51
CA ILE A 216 8.40 -9.65 -13.18
C ILE A 216 7.93 -8.73 -14.32
N SER A 217 7.76 -7.44 -14.02
CA SER A 217 7.33 -6.51 -15.06
C SER A 217 8.36 -6.39 -16.16
N HIS A 218 9.65 -6.53 -15.81
CA HIS A 218 10.70 -6.53 -16.82
C HIS A 218 10.58 -7.73 -17.75
N LEU A 219 10.42 -8.92 -17.17
CA LEU A 219 10.29 -10.13 -17.98
C LEU A 219 9.04 -10.10 -18.83
N ALA A 220 7.91 -9.65 -18.27
CA ALA A 220 6.67 -9.59 -19.03
C ALA A 220 6.75 -8.58 -20.17
N SER A 221 7.54 -7.52 -20.01
CA SER A 221 7.71 -6.56 -21.08
C SER A 221 8.66 -7.07 -22.15
N GLU A 222 9.78 -7.67 -21.74
CA GLU A 222 10.79 -8.08 -22.71
C GLU A 222 10.32 -9.23 -23.58
N GLN A 223 9.70 -10.25 -22.98
CA GLN A 223 9.23 -11.44 -23.68
C GLN A 223 10.36 -12.07 -24.50
N ALA A 224 11.52 -12.23 -23.85
CA ALA A 224 12.70 -12.76 -24.53
C ALA A 224 12.57 -14.27 -24.69
N PRO A 225 12.81 -14.80 -25.89
CA PRO A 225 12.78 -16.27 -26.06
C PRO A 225 13.80 -16.96 -25.17
N THR A 226 13.33 -17.96 -24.42
CA THR A 226 14.18 -18.74 -23.52
C THR A 226 14.95 -19.76 -24.36
N VAL A 227 16.09 -19.33 -24.89
CA VAL A 227 16.85 -20.12 -25.86
C VAL A 227 17.73 -21.15 -25.16
N GLY A 228 17.48 -21.38 -23.87
CA GLY A 228 18.28 -22.33 -23.12
C GLY A 228 17.49 -22.95 -21.99
N GLU A 229 18.12 -23.93 -21.34
CA GLU A 229 17.49 -24.62 -20.22
C GLU A 229 17.75 -23.94 -18.88
N ALA A 230 18.73 -23.05 -18.82
CA ALA A 230 19.02 -22.29 -17.61
C ALA A 230 19.86 -21.08 -17.98
N ALA A 231 19.69 -20.01 -17.23
CA ALA A 231 20.41 -18.76 -17.45
C ALA A 231 21.44 -18.58 -16.35
N LEU A 232 22.72 -18.60 -16.74
CA LEU A 232 23.81 -18.37 -15.79
C LEU A 232 23.88 -16.90 -15.45
N LEU A 233 23.85 -16.58 -14.15
CA LEU A 233 23.87 -15.21 -13.68
C LEU A 233 25.09 -14.96 -12.81
N HIS A 234 25.49 -13.71 -12.75
CA HIS A 234 26.51 -13.23 -11.82
C HIS A 234 25.88 -12.19 -10.90
N TYR A 235 26.06 -12.35 -9.60
CA TYR A 235 25.64 -11.34 -8.63
C TYR A 235 26.79 -10.36 -8.47
N VAL A 236 26.65 -9.18 -9.04
CA VAL A 236 27.75 -8.23 -9.20
C VAL A 236 27.54 -7.05 -8.27
N ASP A 237 28.62 -6.67 -7.60
CA ASP A 237 28.65 -5.43 -6.84
C ASP A 237 28.76 -4.28 -7.81
N PRO A 238 27.76 -3.40 -7.88
CA PRO A 238 27.80 -2.33 -8.90
C PRO A 238 28.92 -1.33 -8.70
N ASP A 239 29.41 -1.17 -7.47
CA ASP A 239 30.51 -0.24 -7.22
C ASP A 239 31.81 -0.82 -7.76
N THR A 240 32.08 -2.08 -7.42
CA THR A 240 33.37 -2.66 -7.71
C THR A 240 33.42 -3.25 -9.11
N GLY A 241 32.31 -3.84 -9.52
CA GLY A 241 32.22 -4.68 -10.66
C GLY A 241 32.58 -6.12 -10.35
N ARG A 242 32.90 -6.42 -9.10
CA ARG A 242 33.35 -7.76 -8.71
C ARG A 242 32.21 -8.76 -8.66
N ASN A 243 32.47 -9.97 -9.17
CA ASN A 243 31.50 -11.05 -9.13
C ASN A 243 31.46 -11.62 -7.71
N LEU A 244 30.29 -11.57 -7.09
CA LEU A 244 30.12 -12.07 -5.73
C LEU A 244 29.57 -13.49 -5.68
N GLY A 245 29.13 -14.05 -6.80
CA GLY A 245 28.60 -15.40 -6.80
C GLY A 245 27.89 -15.81 -8.07
N GLU A 246 27.99 -17.10 -8.41
CA GLU A 246 27.32 -17.66 -9.57
C GLU A 246 25.90 -18.10 -9.21
N PHE A 247 24.96 -17.83 -10.11
CA PHE A 247 23.56 -18.18 -9.91
C PHE A 247 23.00 -18.73 -11.21
N LYS A 248 21.93 -19.52 -11.08
CA LYS A 248 21.21 -20.06 -12.23
C LYS A 248 19.73 -19.66 -12.12
N ALA A 249 19.17 -19.19 -13.23
CA ALA A 249 17.75 -18.88 -13.33
C ALA A 249 17.10 -19.89 -14.25
N TYR A 250 16.07 -20.56 -13.75
CA TYR A 250 15.42 -21.59 -14.53
C TYR A 250 14.20 -21.03 -15.25
N PRO A 251 13.83 -21.63 -16.39
CA PRO A 251 12.72 -21.08 -17.19
C PRO A 251 11.42 -20.87 -16.43
N ASP A 252 11.12 -21.71 -15.44
CA ASP A 252 9.87 -21.56 -14.70
C ASP A 252 9.84 -20.29 -13.86
N GLY A 253 10.97 -19.65 -13.61
CA GLY A 253 10.98 -18.37 -12.96
C GLY A 253 11.47 -18.40 -11.52
N PHE A 254 12.63 -19.00 -11.29
CA PHE A 254 13.22 -19.02 -9.96
C PHE A 254 14.73 -19.09 -10.09
N LEU A 255 15.41 -18.71 -9.02
CA LEU A 255 16.87 -18.68 -8.98
C LEU A 255 17.39 -19.72 -7.99
N THR A 256 18.55 -20.29 -8.31
CA THR A 256 19.22 -21.24 -7.45
C THR A 256 20.69 -20.88 -7.33
N CYS A 257 21.34 -21.48 -6.34
CA CYS A 257 22.78 -21.31 -6.15
C CYS A 257 23.28 -22.46 -5.28
N VAL A 258 24.60 -22.55 -5.15
CA VAL A 258 25.25 -23.53 -4.28
C VAL A 258 25.90 -22.77 -3.13
N PRO A 259 25.43 -22.94 -1.89
CA PRO A 259 26.07 -22.25 -0.77
C PRO A 259 27.41 -22.87 -0.43
N ASN A 260 28.28 -22.05 0.14
CA ASN A 260 29.63 -22.49 0.50
C ASN A 260 29.59 -23.47 1.67
N SER A 264 28.52 -17.64 5.42
CA SER A 264 28.50 -19.07 5.12
C SER A 264 27.91 -19.32 3.75
N GLY A 265 27.08 -18.38 3.29
CA GLY A 265 26.42 -18.55 2.03
C GLY A 265 25.70 -17.31 1.54
N PRO A 266 24.57 -17.52 0.85
CA PRO A 266 23.85 -16.39 0.24
C PRO A 266 23.26 -15.42 1.25
N GLN A 267 22.83 -15.90 2.42
CA GLN A 267 22.24 -15.00 3.41
C GLN A 267 23.25 -13.96 3.90
N GLN A 268 24.54 -14.23 3.76
CA GLN A 268 25.57 -13.26 4.11
C GLN A 268 25.93 -12.34 2.95
N LEU A 269 25.32 -12.53 1.78
CA LEU A 269 25.60 -11.68 0.64
C LEU A 269 25.00 -10.30 0.87
N PRO A 270 25.64 -9.26 0.34
CA PRO A 270 25.06 -7.92 0.42
C PRO A 270 23.82 -7.83 -0.47
N ILE A 271 22.97 -6.86 -0.13
CA ILE A 271 21.69 -6.69 -0.82
C ILE A 271 21.73 -5.58 -1.84
N ASN A 272 22.86 -4.90 -2.00
CA ASN A 272 22.99 -3.81 -2.96
C ASN A 272 23.62 -4.28 -4.27
N GLY A 273 23.58 -5.59 -4.55
CA GLY A 273 24.15 -6.12 -5.77
C GLY A 273 23.14 -6.19 -6.90
N VAL A 274 23.65 -6.50 -8.09
CA VAL A 274 22.84 -6.57 -9.30
C VAL A 274 23.07 -7.92 -9.97
N PHE A 275 21.98 -8.56 -10.37
CA PHE A 275 22.06 -9.82 -11.12
C PHE A 275 22.24 -9.51 -12.60
N VAL A 276 23.25 -10.12 -13.22
CA VAL A 276 23.60 -9.88 -14.61
C VAL A 276 23.59 -11.22 -15.35
N PHE A 277 22.90 -11.26 -16.48
CA PHE A 277 22.89 -12.45 -17.31
C PHE A 277 24.24 -12.65 -17.98
N VAL A 278 24.77 -13.87 -17.92
CA VAL A 278 26.07 -14.17 -18.49
C VAL A 278 25.89 -14.93 -19.81
N SER A 279 25.23 -16.08 -19.75
CA SER A 279 24.98 -16.87 -20.96
C SER A 279 23.95 -17.93 -20.64
N TRP A 280 23.39 -18.51 -21.70
CA TRP A 280 22.52 -19.67 -21.57
C TRP A 280 23.37 -20.91 -21.36
N VAL A 281 23.00 -21.72 -20.37
CA VAL A 281 23.73 -22.94 -20.07
C VAL A 281 22.73 -24.09 -19.92
N SER A 282 23.27 -25.30 -19.84
CA SER A 282 22.44 -26.48 -19.63
C SER A 282 21.93 -26.53 -18.20
N ARG A 283 20.83 -27.26 -18.02
CA ARG A 283 20.27 -27.45 -16.68
C ARG A 283 21.23 -28.19 -15.76
N PHE A 284 22.22 -28.88 -16.32
CA PHE A 284 23.18 -29.65 -15.55
C PHE A 284 24.47 -28.89 -15.27
N TYR A 285 24.54 -27.62 -15.68
CA TYR A 285 25.70 -26.80 -15.40
C TYR A 285 25.94 -26.73 -13.89
N GLN A 286 27.16 -27.07 -13.48
CA GLN A 286 27.51 -27.11 -12.07
C GLN A 286 28.08 -25.76 -11.65
N LEU A 287 27.43 -25.12 -10.68
CA LEU A 287 27.84 -23.81 -10.23
C LEU A 287 28.97 -23.90 -9.22
N LYS A 288 29.78 -22.84 -9.16
CA LYS A 288 30.77 -22.76 -8.11
C LYS A 288 30.10 -22.27 -6.82
N PRO A 289 30.45 -22.83 -5.68
CA PRO A 289 29.79 -22.44 -4.43
C PRO A 289 29.97 -20.95 -4.14
N VAL A 290 28.93 -20.36 -3.55
CA VAL A 290 28.93 -18.93 -3.25
C VAL A 290 29.86 -18.64 -2.08
N PRO B 4 19.88 1.56 -27.46
CA PRO B 4 18.67 2.15 -28.03
C PRO B 4 17.60 2.42 -26.99
N PHE B 5 16.90 3.54 -27.13
CA PHE B 5 15.87 3.93 -26.19
C PHE B 5 14.62 3.08 -26.37
N THR B 6 14.01 2.69 -25.25
CA THR B 6 12.81 1.87 -25.27
C THR B 6 11.91 2.26 -24.11
N LEU B 7 10.62 2.00 -24.28
CA LEU B 7 9.63 2.09 -23.23
C LEU B 7 9.07 0.70 -22.95
N PRO B 8 8.54 0.46 -21.74
CA PRO B 8 8.03 -0.88 -21.43
C PRO B 8 6.93 -1.30 -22.40
N ASN B 9 6.99 -2.56 -22.83
CA ASN B 9 5.99 -3.11 -23.73
C ASN B 9 4.85 -3.71 -22.90
N LEU B 10 4.15 -2.81 -22.20
CA LEU B 10 3.08 -3.18 -21.30
C LEU B 10 1.93 -2.20 -21.46
N PRO B 11 0.68 -2.68 -21.39
CA PRO B 11 -0.46 -1.77 -21.50
C PRO B 11 -0.58 -0.88 -20.27
N LEU B 12 -1.01 0.36 -20.49
CA LEU B 12 -1.12 1.33 -19.40
C LEU B 12 -2.05 0.83 -18.31
N SER B 13 -3.13 0.13 -18.69
CA SER B 13 -4.10 -0.37 -17.73
C SER B 13 -3.51 -1.36 -16.74
N SER B 14 -2.30 -1.86 -17.00
CA SER B 14 -1.65 -2.82 -16.12
C SER B 14 -0.54 -2.19 -15.29
N LEU B 15 -0.30 -0.89 -15.42
CA LEU B 15 0.78 -0.23 -14.68
C LEU B 15 0.22 0.61 -13.54
N SER B 16 1.12 1.23 -12.79
CA SER B 16 0.77 1.93 -11.56
C SER B 16 1.06 3.43 -11.64
N ASN B 17 0.36 4.18 -10.78
CA ASN B 17 0.67 5.58 -10.59
C ASN B 17 2.01 5.72 -9.87
N SER B 18 2.66 6.87 -10.09
CA SER B 18 3.97 7.13 -9.49
C SER B 18 3.90 8.07 -8.29
N ARG B 19 2.71 8.52 -7.91
CA ARG B 19 2.54 9.37 -6.75
C ARG B 19 1.77 8.68 -5.63
N ALA B 20 1.26 7.48 -5.88
CA ALA B 20 0.58 6.65 -4.90
C ALA B 20 0.48 5.25 -5.48
N PRO B 21 0.46 4.22 -4.64
CA PRO B 21 0.38 2.84 -5.19
C PRO B 21 -1.04 2.50 -5.67
N LEU B 22 -1.38 3.04 -6.83
CA LEU B 22 -2.71 2.88 -7.42
C LEU B 22 -2.57 2.53 -8.89
N PRO B 23 -3.46 1.68 -9.40
CA PRO B 23 -3.40 1.33 -10.83
C PRO B 23 -3.80 2.51 -11.70
N ILE B 24 -3.27 2.52 -12.92
CA ILE B 24 -3.59 3.57 -13.88
C ILE B 24 -4.95 3.26 -14.50
N SER B 25 -5.85 4.25 -14.46
CA SER B 25 -7.20 4.05 -14.96
C SER B 25 -7.57 4.92 -16.16
N SER B 26 -6.81 5.97 -16.47
CA SER B 26 -7.13 6.80 -17.63
C SER B 26 -5.94 7.66 -18.00
N ILE B 27 -5.98 8.18 -19.21
CA ILE B 27 -5.08 9.23 -19.68
C ILE B 27 -5.83 10.54 -19.63
N GLY B 28 -5.15 11.61 -19.20
CA GLY B 28 -5.82 12.89 -19.12
C GLY B 28 -4.87 14.03 -19.40
N ILE B 29 -5.45 15.23 -19.49
CA ILE B 29 -4.72 16.47 -19.60
C ILE B 29 -5.18 17.39 -18.48
N SER B 30 -4.38 18.40 -18.20
CA SER B 30 -4.70 19.29 -17.09
C SER B 30 -5.83 20.22 -17.49
N PRO B 31 -6.56 20.75 -16.51
CA PRO B 31 -7.54 21.81 -16.81
C PRO B 31 -6.85 23.07 -17.29
N ASP B 32 -7.66 23.97 -17.87
CA ASP B 32 -7.12 25.21 -18.43
C ASP B 32 -6.31 25.99 -17.39
N ASN B 33 -6.80 26.05 -16.16
CA ASN B 33 -6.15 26.85 -15.11
C ASN B 33 -4.85 26.21 -14.58
N VAL B 34 -4.46 25.04 -15.06
CA VAL B 34 -3.24 24.39 -14.62
C VAL B 34 -2.20 24.51 -15.74
N GLN B 35 -1.16 25.30 -15.48
CA GLN B 35 -0.08 25.46 -16.43
C GLN B 35 1.05 24.49 -16.10
N SER B 36 1.95 24.91 -15.20
CA SER B 36 3.07 24.06 -14.80
C SER B 36 2.68 23.14 -13.66
N VAL B 37 3.48 22.11 -13.46
CA VAL B 37 3.35 21.19 -12.33
C VAL B 37 4.76 20.92 -11.79
N GLN B 38 4.84 20.69 -10.49
CA GLN B 38 6.12 20.45 -9.82
C GLN B 38 6.07 19.21 -8.96
N PHE B 39 5.52 18.12 -9.49
CA PHE B 39 5.48 16.86 -8.75
C PHE B 39 6.89 16.46 -8.34
N GLN B 40 7.04 16.01 -7.10
CA GLN B 40 8.33 15.53 -6.62
C GLN B 40 8.48 14.03 -6.75
N ASN B 41 7.37 13.31 -6.89
CA ASN B 41 7.39 11.88 -7.16
C ASN B 41 7.03 11.65 -8.62
N GLY B 42 7.49 10.53 -9.16
CA GLY B 42 7.25 10.27 -10.57
C GLY B 42 8.09 11.11 -11.49
N ARG B 43 9.33 11.40 -11.10
CA ARG B 43 10.23 12.24 -11.88
C ARG B 43 11.48 11.45 -12.23
N CYS B 44 11.71 11.23 -13.51
CA CYS B 44 12.87 10.52 -13.99
C CYS B 44 13.19 11.03 -15.39
N THR B 45 14.47 11.20 -15.67
CA THR B 45 14.88 11.63 -17.00
C THR B 45 14.83 10.45 -17.97
N LEU B 46 14.89 10.76 -19.27
CA LEU B 46 14.85 9.71 -20.28
C LEU B 46 16.08 8.82 -20.25
N ASP B 47 17.19 9.28 -19.66
CA ASP B 47 18.38 8.47 -19.50
C ASP B 47 18.49 7.87 -18.10
N GLY B 48 17.39 7.85 -17.36
CA GLY B 48 17.32 7.08 -16.13
C GLY B 48 17.87 7.74 -14.88
N ARG B 49 17.77 9.06 -14.77
CA ARG B 49 18.23 9.77 -13.58
C ARG B 49 17.00 10.21 -12.79
N LEU B 50 16.89 9.71 -11.55
CA LEU B 50 15.74 10.04 -10.72
C LEU B 50 15.87 11.44 -10.15
N VAL B 51 14.74 12.16 -10.11
CA VAL B 51 14.71 13.55 -9.68
C VAL B 51 13.71 13.68 -8.54
N GLY B 52 13.90 14.72 -7.72
CA GLY B 52 12.95 14.99 -6.65
C GLY B 52 13.08 13.95 -5.55
N THR B 53 11.93 13.37 -5.18
CA THR B 53 11.88 12.30 -4.20
C THR B 53 11.54 10.95 -4.82
N THR B 54 11.61 10.86 -6.14
CA THR B 54 11.20 9.67 -6.88
C THR B 54 12.03 8.44 -6.49
N PRO B 55 11.39 7.34 -6.08
CA PRO B 55 12.14 6.10 -5.85
C PRO B 55 12.10 5.20 -7.08
N VAL B 56 12.93 4.16 -7.08
CA VAL B 56 12.91 3.21 -8.19
C VAL B 56 11.68 2.33 -8.14
N SER B 57 11.31 1.86 -6.95
CA SER B 57 10.25 0.89 -6.78
C SER B 57 8.99 1.51 -6.19
N LEU B 58 7.85 0.88 -6.49
CA LEU B 58 6.57 1.35 -5.96
C LEU B 58 6.40 1.06 -4.47
N SER B 59 7.22 0.18 -3.91
CA SER B 59 7.12 -0.11 -2.49
C SER B 59 7.63 1.02 -1.62
N HIS B 60 8.19 2.07 -2.22
CA HIS B 60 8.61 3.26 -1.51
C HIS B 60 7.71 4.46 -1.78
N VAL B 61 6.77 4.34 -2.72
CA VAL B 61 5.98 5.48 -3.16
C VAL B 61 4.92 5.84 -2.11
N ALA B 62 4.82 7.14 -1.81
CA ALA B 62 3.81 7.68 -0.89
C ALA B 62 3.88 7.03 0.47
N LYS B 63 5.10 6.86 0.98
CA LYS B 63 5.33 6.24 2.27
C LYS B 63 6.18 7.16 3.15
N ILE B 64 6.11 6.91 4.45
CA ILE B 64 6.89 7.66 5.42
C ILE B 64 7.44 6.67 6.45
N ARG B 65 8.52 7.09 7.10
CA ARG B 65 9.13 6.32 8.18
C ARG B 65 9.77 7.29 9.14
N GLY B 66 9.51 7.09 10.42
CA GLY B 66 10.08 7.97 11.42
C GLY B 66 9.73 7.48 12.81
N THR B 67 10.21 8.23 13.79
CA THR B 67 10.02 7.93 15.19
C THR B 67 9.25 9.07 15.83
N SER B 68 8.11 8.75 16.43
CA SER B 68 7.31 9.74 17.14
C SER B 68 7.67 9.75 18.62
N ASN B 69 7.55 10.93 19.23
CA ASN B 69 7.73 11.09 20.67
C ASN B 69 6.47 11.60 21.34
N GLY B 70 5.32 11.53 20.65
CA GLY B 70 4.07 12.04 21.14
C GLY B 70 3.69 13.38 20.58
N THR B 71 4.66 14.20 20.21
CA THR B 71 4.41 15.53 19.69
C THR B 71 4.92 15.72 18.27
N VAL B 72 6.10 15.20 17.95
CA VAL B 72 6.68 15.32 16.62
C VAL B 72 7.07 13.92 16.14
N ILE B 73 7.04 13.74 14.81
CA ILE B 73 7.57 12.55 14.17
C ILE B 73 8.86 12.95 13.47
N ASN B 74 9.99 12.43 13.95
CA ASN B 74 11.29 12.67 13.33
C ASN B 74 11.49 11.66 12.21
N LEU B 75 11.56 12.15 10.97
CA LEU B 75 11.58 11.26 9.82
C LEU B 75 12.98 10.74 9.53
N THR B 76 13.03 9.56 8.94
CA THR B 76 14.25 8.96 8.41
C THR B 76 13.95 8.48 6.98
N GLU B 77 14.94 7.84 6.38
CA GLU B 77 14.66 7.18 5.11
C GLU B 77 13.92 5.87 5.38
N LEU B 78 13.26 5.35 4.34
CA LEU B 78 12.41 4.18 4.52
C LEU B 78 13.20 2.96 5.00
N ASP B 79 14.50 2.89 4.71
CA ASP B 79 15.31 1.79 5.23
C ASP B 79 15.85 2.06 6.63
N GLY B 80 15.47 3.16 7.26
CA GLY B 80 15.92 3.48 8.60
C GLY B 80 17.18 4.30 8.67
N THR B 81 17.82 4.60 7.55
CA THR B 81 19.00 5.46 7.58
C THR B 81 18.56 6.91 7.70
N PRO B 82 19.42 7.78 8.28
CA PRO B 82 18.99 9.16 8.54
C PRO B 82 18.72 9.91 7.25
N PHE B 83 17.75 10.82 7.32
CA PHE B 83 17.45 11.73 6.22
C PHE B 83 18.34 12.96 6.36
N HIS B 84 19.00 13.32 5.27
CA HIS B 84 19.94 14.43 5.29
C HIS B 84 19.30 15.64 4.60
N PRO B 85 18.97 16.70 5.33
CA PRO B 85 18.35 17.86 4.69
C PRO B 85 19.31 18.54 3.74
N PHE B 86 18.73 19.32 2.82
CA PHE B 86 19.42 20.07 1.78
C PHE B 86 20.04 19.16 0.73
N GLU B 87 19.74 17.87 0.77
CA GLU B 87 19.98 16.95 -0.34
C GLU B 87 18.71 16.65 -1.11
N GLY B 88 17.56 17.13 -0.64
CA GLY B 88 16.29 16.94 -1.29
C GLY B 88 15.19 17.60 -0.47
N PRO B 89 13.98 17.65 -1.02
CA PRO B 89 12.87 18.30 -0.31
C PRO B 89 12.29 17.46 0.82
N ALA B 90 12.52 16.16 0.82
CA ALA B 90 11.98 15.24 1.82
C ALA B 90 12.66 13.89 1.66
N PRO B 91 12.43 12.92 2.54
CA PRO B 91 12.97 11.58 2.30
C PRO B 91 12.34 10.96 1.07
N ILE B 92 13.11 10.08 0.42
CA ILE B 92 12.66 9.39 -0.78
C ILE B 92 11.29 8.76 -0.53
N GLY B 93 10.37 8.97 -1.46
CA GLY B 93 9.05 8.37 -1.38
C GLY B 93 8.03 9.15 -0.59
N PHE B 94 8.43 10.24 0.07
CA PHE B 94 7.50 11.05 0.84
C PHE B 94 6.35 11.51 -0.06
N PRO B 95 5.12 11.50 0.44
CA PRO B 95 3.98 11.93 -0.38
C PRO B 95 4.14 13.37 -0.84
N ASP B 96 3.71 13.64 -2.07
CA ASP B 96 3.79 14.96 -2.66
C ASP B 96 2.41 15.47 -3.10
N LEU B 97 1.36 14.98 -2.45
CA LEU B 97 -0.01 15.36 -2.80
C LEU B 97 -0.37 16.63 -2.05
N GLY B 98 -0.41 17.75 -2.77
CA GLY B 98 -0.89 18.99 -2.20
C GLY B 98 -2.39 19.14 -2.36
N GLY B 99 -2.94 20.18 -1.76
CA GLY B 99 -4.35 20.48 -1.89
C GLY B 99 -5.26 19.41 -1.31
N CYS B 100 -4.83 18.73 -0.27
CA CYS B 100 -5.69 17.75 0.39
C CYS B 100 -5.12 17.43 1.77
N ASP B 101 -5.94 16.79 2.58
CA ASP B 101 -5.49 16.25 3.86
C ASP B 101 -5.11 14.78 3.66
N TRP B 102 -4.02 14.37 4.30
CA TRP B 102 -3.51 13.02 4.16
C TRP B 102 -4.03 12.15 5.29
N HIS B 103 -4.35 10.90 4.97
CA HIS B 103 -4.69 9.88 5.95
C HIS B 103 -3.79 8.68 5.69
N ILE B 104 -2.80 8.50 6.55
CA ILE B 104 -1.73 7.53 6.35
C ILE B 104 -1.93 6.38 7.33
N ASN B 105 -1.83 5.15 6.83
CA ASN B 105 -1.97 3.96 7.65
C ASN B 105 -0.61 3.57 8.21
N MET B 106 -0.47 3.64 9.52
CA MET B 106 0.80 3.39 10.19
C MET B 106 0.82 2.01 10.82
N THR B 107 1.91 1.28 10.60
CA THR B 107 2.14 -0.03 11.19
C THR B 107 3.54 -0.04 11.80
N GLN B 108 3.85 -1.11 12.53
CA GLN B 108 5.13 -1.23 13.21
C GLN B 108 5.73 -2.61 13.01
N PHE B 109 7.06 -2.66 13.06
CA PHE B 109 7.79 -3.92 13.03
C PHE B 109 7.93 -4.43 14.46
N GLY B 110 7.33 -5.58 14.74
CA GLY B 110 7.39 -6.17 16.06
C GLY B 110 6.16 -5.91 16.91
N HIS B 111 5.20 -5.13 16.42
CA HIS B 111 4.00 -4.81 17.18
CA HIS B 111 4.01 -4.79 17.17
C HIS B 111 2.77 -5.02 16.32
N SER B 112 1.63 -5.11 16.98
CA SER B 112 0.36 -5.37 16.34
C SER B 112 -0.32 -4.05 15.93
N SER B 113 -1.48 -4.20 15.29
CA SER B 113 -2.41 -3.12 14.97
C SER B 113 -1.90 -2.10 13.95
N GLN B 114 -2.83 -1.32 13.43
CA GLN B 114 -2.58 -0.24 12.49
C GLN B 114 -3.27 1.02 13.02
N THR B 115 -2.71 2.18 12.68
CA THR B 115 -3.27 3.44 13.16
C THR B 115 -3.36 4.43 12.00
N GLN B 116 -4.50 5.12 11.92
CA GLN B 116 -4.67 6.16 10.92
C GLN B 116 -4.02 7.45 11.38
N TYR B 117 -3.13 7.98 10.55
CA TYR B 117 -2.39 9.21 10.84
C TYR B 117 -2.96 10.31 9.97
N ASP B 118 -3.58 11.31 10.60
CA ASP B 118 -4.23 12.40 9.90
C ASP B 118 -3.26 13.57 9.77
N VAL B 119 -2.93 13.94 8.54
CA VAL B 119 -1.87 14.91 8.26
C VAL B 119 -2.48 16.14 7.60
N ASP B 120 -2.32 17.29 8.25
CA ASP B 120 -2.56 18.58 7.63
C ASP B 120 -1.21 19.12 7.18
N THR B 121 -1.11 19.48 5.90
CA THR B 121 0.16 19.89 5.30
C THR B 121 0.38 21.40 5.30
N THR B 122 -0.50 22.16 5.94
CA THR B 122 -0.37 23.61 6.00
C THR B 122 0.23 24.18 7.30
N PRO B 123 0.11 23.54 8.46
CA PRO B 123 0.59 24.19 9.68
C PRO B 123 2.10 24.33 9.70
N ASP B 124 2.55 25.27 10.55
CA ASP B 124 3.97 25.52 10.72
C ASP B 124 4.70 24.28 11.24
N THR B 125 3.98 23.35 11.86
CA THR B 125 4.59 22.12 12.33
C THR B 125 5.07 21.24 11.19
N PHE B 126 4.44 21.35 10.01
CA PHE B 126 4.71 20.47 8.88
C PHE B 126 5.99 20.93 8.17
N VAL B 127 7.12 20.35 8.57
CA VAL B 127 8.41 20.69 7.96
C VAL B 127 9.13 19.42 7.53
N PRO B 128 8.62 18.69 6.53
CA PRO B 128 9.31 17.46 6.09
C PRO B 128 10.70 17.71 5.54
N HIS B 129 10.98 18.92 5.05
CA HIS B 129 12.30 19.23 4.53
C HIS B 129 13.35 19.33 5.62
N LEU B 130 12.92 19.51 6.88
CA LEU B 130 13.81 19.45 8.02
C LEU B 130 13.67 18.15 8.81
N GLY B 131 12.86 17.21 8.31
CA GLY B 131 12.77 15.89 8.91
C GLY B 131 11.79 15.76 10.05
N SER B 132 10.85 16.70 10.20
CA SER B 132 9.95 16.71 11.33
C SER B 132 8.54 17.07 10.88
N ILE B 133 7.56 16.30 11.34
CA ILE B 133 6.15 16.61 11.12
C ILE B 133 5.39 16.34 12.42
N GLN B 134 4.27 17.04 12.60
CA GLN B 134 3.52 16.93 13.83
C GLN B 134 2.97 15.51 14.01
N ALA B 135 3.03 15.01 15.24
CA ALA B 135 2.56 13.65 15.51
C ALA B 135 1.04 13.58 15.45
N ASN B 136 0.36 14.63 15.91
CA ASN B 136 -1.10 14.72 15.90
C ASN B 136 -1.73 13.47 16.53
N GLY B 137 -1.25 13.12 17.73
CA GLY B 137 -1.84 12.05 18.52
C GLY B 137 -1.20 10.68 18.37
N ILE B 138 -0.32 10.49 17.40
CA ILE B 138 0.35 9.21 17.23
C ILE B 138 1.32 9.00 18.38
N GLY B 139 1.14 7.91 19.12
CA GLY B 139 1.96 7.66 20.28
C GLY B 139 3.41 7.40 19.94
N SER B 140 4.26 7.54 20.95
CA SER B 140 5.70 7.36 20.77
C SER B 140 6.01 5.96 20.25
N GLY B 141 6.99 5.90 19.36
CA GLY B 141 7.41 4.64 18.76
C GLY B 141 7.89 4.86 17.35
N ASN B 142 8.43 3.79 16.77
CA ASN B 142 8.89 3.81 15.39
C ASN B 142 7.80 3.21 14.50
N TYR B 143 7.47 3.90 13.41
CA TYR B 143 6.39 3.49 12.53
C TYR B 143 6.84 3.52 11.08
N VAL B 144 6.10 2.78 10.26
CA VAL B 144 6.14 2.91 8.81
C VAL B 144 4.70 3.11 8.35
N GLY B 145 4.50 4.08 7.45
CA GLY B 145 3.17 4.42 7.01
C GLY B 145 3.10 4.55 5.50
N VAL B 146 1.89 4.35 4.98
CA VAL B 146 1.61 4.48 3.55
C VAL B 146 0.31 5.25 3.40
N LEU B 147 0.26 6.11 2.39
CA LEU B 147 -0.95 6.88 2.13
C LEU B 147 -2.11 5.94 1.82
N SER B 148 -3.23 6.14 2.52
CA SER B 148 -4.38 5.27 2.39
C SER B 148 -5.56 5.94 1.71
N TRP B 149 -5.90 7.16 2.11
CA TRP B 149 -6.99 7.90 1.50
C TRP B 149 -6.79 9.38 1.80
N ILE B 150 -7.49 10.22 1.04
CA ILE B 150 -7.36 11.67 1.17
C ILE B 150 -8.74 12.29 1.36
N SER B 151 -8.74 13.53 1.81
CA SER B 151 -9.96 14.27 2.08
C SER B 151 -9.70 15.74 1.77
N PRO B 152 -10.75 16.56 1.70
CA PRO B 152 -10.54 17.98 1.39
C PRO B 152 -9.61 18.63 2.39
N PRO B 153 -8.75 19.53 1.94
CA PRO B 153 -7.81 20.18 2.86
C PRO B 153 -8.54 20.95 3.96
N SER B 154 -8.04 20.80 5.19
CA SER B 154 -8.65 21.51 6.31
C SER B 154 -8.43 23.01 6.20
N HIS B 155 -7.27 23.42 5.70
CA HIS B 155 -6.95 24.83 5.52
C HIS B 155 -6.41 25.06 4.12
N PRO B 156 -6.85 26.13 3.43
CA PRO B 156 -7.95 27.05 3.77
C PRO B 156 -9.31 26.36 3.80
N SER B 157 -10.07 26.60 4.86
CA SER B 157 -11.39 26.00 5.03
C SER B 157 -12.25 26.19 3.79
N GLY B 158 -12.87 25.09 3.34
CA GLY B 158 -13.76 25.10 2.20
C GLY B 158 -13.08 24.91 0.86
N SER B 159 -11.74 24.89 0.81
CA SER B 159 -11.06 24.67 -0.45
C SER B 159 -11.29 23.26 -0.95
N GLN B 160 -11.34 23.11 -2.27
CA GLN B 160 -11.57 21.82 -2.90
C GLN B 160 -10.25 21.09 -3.10
N VAL B 161 -10.34 19.76 -3.21
CA VAL B 161 -9.15 18.95 -3.44
C VAL B 161 -8.51 19.36 -4.76
N ASP B 162 -7.19 19.57 -4.74
CA ASP B 162 -6.43 20.01 -5.91
C ASP B 162 -5.14 19.20 -5.92
N LEU B 163 -5.16 18.07 -6.63
CA LEU B 163 -4.02 17.17 -6.68
C LEU B 163 -2.99 17.58 -7.73
N TRP B 164 -3.18 18.71 -8.39
CA TRP B 164 -2.19 19.26 -9.31
C TRP B 164 -1.07 20.00 -8.59
N LYS B 165 -1.13 20.11 -7.27
CA LYS B 165 -0.14 20.82 -6.48
C LYS B 165 0.65 19.85 -5.61
N ILE B 166 1.82 20.32 -5.17
CA ILE B 166 2.62 19.64 -4.16
C ILE B 166 2.47 20.47 -2.89
N PRO B 167 2.69 19.90 -1.71
CA PRO B 167 2.62 20.69 -0.49
C PRO B 167 3.87 21.53 -0.32
N ASN B 168 3.78 22.51 0.58
CA ASN B 168 4.95 23.28 0.97
C ASN B 168 5.72 22.45 1.99
N TYR B 169 6.96 22.13 1.66
CA TYR B 169 7.76 21.23 2.48
C TYR B 169 8.38 21.93 3.69
N GLY B 170 8.00 23.18 3.95
CA GLY B 170 8.42 23.84 5.17
C GLY B 170 9.45 24.94 5.00
N SER B 171 9.15 25.97 4.22
CA SER B 171 10.18 26.97 4.02
C SER B 171 9.54 28.31 3.66
N SER B 172 10.30 29.38 3.89
CA SER B 172 9.91 30.72 3.48
C SER B 172 10.42 31.08 2.09
N ILE B 173 11.37 30.31 1.55
CA ILE B 173 11.95 30.55 0.24
C ILE B 173 11.82 29.27 -0.57
N THR B 174 11.33 29.40 -1.80
CA THR B 174 11.17 28.23 -2.66
C THR B 174 12.47 27.47 -2.81
N GLU B 175 13.56 28.18 -3.09
CA GLU B 175 14.85 27.55 -3.35
C GLU B 175 15.42 26.85 -2.13
N ALA B 176 14.92 27.18 -0.93
CA ALA B 176 15.50 26.59 0.29
C ALA B 176 15.25 25.09 0.39
N THR B 177 14.18 24.60 -0.23
CA THR B 177 13.80 23.19 -0.11
C THR B 177 14.43 22.31 -1.18
N HIS B 178 15.16 22.87 -2.13
CA HIS B 178 15.84 22.12 -3.18
C HIS B 178 14.89 21.15 -3.88
N LEU B 179 13.80 21.71 -4.39
CA LEU B 179 12.80 20.92 -5.09
C LEU B 179 13.27 20.55 -6.50
N ALA B 180 12.62 19.55 -7.07
CA ALA B 180 12.79 19.26 -8.47
C ALA B 180 12.12 20.36 -9.30
N PRO B 181 12.72 20.78 -10.40
CA PRO B 181 12.18 21.93 -11.15
C PRO B 181 10.79 21.65 -11.71
N SER B 182 10.04 22.73 -11.93
CA SER B 182 8.71 22.64 -12.49
C SER B 182 8.76 22.14 -13.93
N VAL B 183 7.64 21.57 -14.37
CA VAL B 183 7.48 21.09 -15.74
C VAL B 183 6.44 21.96 -16.43
N TYR B 184 6.81 22.54 -17.57
CA TYR B 184 5.95 23.46 -18.30
C TYR B 184 5.51 22.84 -19.63
N PRO B 185 4.31 23.17 -20.10
CA PRO B 185 3.91 22.78 -21.46
C PRO B 185 4.79 23.45 -22.49
N PRO B 186 5.29 22.70 -23.48
CA PRO B 186 6.22 23.29 -24.45
C PRO B 186 5.60 24.33 -25.35
N GLY B 187 4.27 24.40 -25.46
CA GLY B 187 3.62 25.37 -26.31
C GLY B 187 3.27 24.81 -27.67
N PHE B 188 2.91 25.74 -28.57
CA PHE B 188 2.49 25.43 -29.93
C PHE B 188 1.39 24.37 -29.95
N GLY B 189 0.43 24.49 -29.03
CA GLY B 189 -0.66 23.55 -28.97
C GLY B 189 -0.35 22.29 -28.16
N GLU B 190 0.90 22.05 -27.81
CA GLU B 190 1.25 20.85 -27.05
C GLU B 190 0.86 21.03 -25.60
N VAL B 191 0.19 20.01 -25.06
CA VAL B 191 -0.26 20.00 -23.68
C VAL B 191 0.36 18.79 -22.98
N LEU B 192 0.53 18.90 -21.67
CA LEU B 192 1.13 17.81 -20.92
C LEU B 192 0.17 16.63 -20.81
N VAL B 193 0.73 15.43 -20.85
CA VAL B 193 -0.04 14.19 -20.74
C VAL B 193 0.16 13.63 -19.35
N PHE B 194 -0.95 13.30 -18.67
CA PHE B 194 -0.92 12.80 -17.30
C PHE B 194 -1.58 11.43 -17.23
N PHE B 195 -1.03 10.59 -16.37
CA PHE B 195 -1.58 9.26 -16.12
C PHE B 195 -2.36 9.31 -14.80
N MET B 196 -3.65 9.01 -14.88
CA MET B 196 -4.56 9.22 -13.77
C MET B 196 -4.89 7.92 -13.05
N SER B 197 -5.17 8.04 -11.75
CA SER B 197 -5.61 6.93 -10.93
C SER B 197 -6.71 7.41 -10.00
N LYS B 198 -7.64 6.51 -9.68
CA LYS B 198 -8.70 6.86 -8.73
C LYS B 198 -8.16 6.71 -7.32
N MET B 199 -8.36 7.74 -6.50
CA MET B 199 -7.83 7.76 -5.15
C MET B 199 -8.97 7.70 -4.14
N PRO B 200 -8.91 6.77 -3.19
CA PRO B 200 -9.98 6.66 -2.20
C PRO B 200 -10.17 7.96 -1.40
N GLY B 201 -11.42 8.22 -1.03
CA GLY B 201 -11.77 9.42 -0.31
C GLY B 201 -13.19 9.86 -0.65
N PRO B 202 -13.72 10.82 0.11
CA PRO B 202 -15.11 11.28 -0.10
C PRO B 202 -15.23 12.22 -1.30
N GLY B 203 -14.99 11.68 -2.49
CA GLY B 203 -15.06 12.48 -3.70
C GLY B 203 -14.49 11.73 -4.88
N ALA B 204 -14.71 12.30 -6.05
CA ALA B 204 -14.22 11.70 -7.31
C ALA B 204 -12.79 12.17 -7.55
N TYR B 205 -11.88 11.64 -6.73
CA TYR B 205 -10.49 12.07 -6.75
C TYR B 205 -9.71 11.34 -7.83
N ASN B 206 -9.02 12.11 -8.67
CA ASN B 206 -8.21 11.59 -9.76
C ASN B 206 -6.78 12.10 -9.58
N LEU B 207 -5.85 11.19 -9.33
CA LEU B 207 -4.47 11.57 -9.02
C LEU B 207 -3.64 11.54 -10.30
N PRO B 208 -3.15 12.67 -10.78
CA PRO B 208 -2.31 12.68 -11.99
C PRO B 208 -0.84 12.51 -11.68
N CYS B 209 -0.14 11.87 -12.62
CA CYS B 209 1.31 11.73 -12.54
C CYS B 209 1.89 11.82 -13.95
N LEU B 210 3.19 12.12 -14.01
CA LEU B 210 3.82 12.36 -15.31
C LEU B 210 4.29 11.07 -15.97
N LEU B 211 4.61 10.04 -15.18
CA LEU B 211 5.09 8.77 -15.72
C LEU B 211 4.61 7.64 -14.83
N PRO B 212 4.18 6.52 -15.39
CA PRO B 212 3.91 5.34 -14.57
C PRO B 212 5.17 4.89 -13.87
N GLN B 213 5.00 4.33 -12.67
CA GLN B 213 6.15 3.88 -11.88
C GLN B 213 6.97 2.83 -12.63
N GLU B 214 6.29 1.97 -13.40
CA GLU B 214 7.01 0.94 -14.16
C GLU B 214 7.88 1.57 -15.25
N TYR B 215 7.47 2.72 -15.79
CA TYR B 215 8.32 3.45 -16.72
C TYR B 215 9.60 3.90 -16.03
N ILE B 216 9.50 4.33 -14.78
CA ILE B 216 10.64 4.91 -14.08
C ILE B 216 11.70 3.85 -13.82
N SER B 217 11.30 2.71 -13.25
CA SER B 217 12.26 1.64 -12.99
C SER B 217 12.87 1.12 -14.29
N HIS B 218 12.08 1.13 -15.37
CA HIS B 218 12.61 0.73 -16.67
C HIS B 218 13.68 1.71 -17.15
N LEU B 219 13.39 3.01 -17.08
CA LEU B 219 14.35 4.01 -17.52
C LEU B 219 15.61 3.98 -16.66
N ALA B 220 15.43 3.86 -15.34
CA ALA B 220 16.59 3.82 -14.45
C ALA B 220 17.43 2.56 -14.67
N SER B 221 16.79 1.47 -15.09
CA SER B 221 17.52 0.24 -15.37
C SER B 221 18.26 0.30 -16.70
N GLU B 222 17.64 0.88 -17.73
CA GLU B 222 18.25 0.83 -19.05
CA GLU B 222 18.21 0.87 -19.08
C GLU B 222 19.30 1.91 -19.25
N GLN B 223 19.09 3.11 -18.68
CA GLN B 223 20.09 4.19 -18.74
C GLN B 223 20.49 4.49 -20.19
N ALA B 224 19.48 4.63 -21.05
CA ALA B 224 19.74 4.79 -22.47
C ALA B 224 20.22 6.22 -22.76
N PRO B 225 21.31 6.38 -23.51
CA PRO B 225 21.76 7.72 -23.89
C PRO B 225 20.68 8.47 -24.66
N THR B 226 20.35 9.67 -24.20
CA THR B 226 19.34 10.50 -24.85
C THR B 226 20.01 11.14 -26.07
N VAL B 227 20.01 10.39 -27.18
CA VAL B 227 20.75 10.79 -28.38
C VAL B 227 19.92 11.78 -29.20
N GLY B 228 18.88 12.34 -28.60
CA GLY B 228 18.03 13.28 -29.30
C GLY B 228 17.43 14.29 -28.37
N GLU B 229 16.75 15.27 -28.95
CA GLU B 229 16.12 16.33 -28.19
C GLU B 229 14.67 16.01 -27.81
N ALA B 230 14.06 15.05 -28.48
CA ALA B 230 12.70 14.61 -28.17
C ALA B 230 12.47 13.25 -28.78
N ALA B 231 11.65 12.44 -28.13
CA ALA B 231 11.36 11.09 -28.58
C ALA B 231 9.94 11.03 -29.13
N LEU B 232 9.82 10.76 -30.43
CA LEU B 232 8.52 10.58 -31.04
C LEU B 232 7.97 9.20 -30.67
N LEU B 233 6.76 9.18 -30.12
CA LEU B 233 6.14 7.95 -29.66
C LEU B 233 4.83 7.70 -30.41
N HIS B 234 4.45 6.43 -30.47
CA HIS B 234 3.14 6.01 -30.97
C HIS B 234 2.40 5.30 -29.86
N TYR B 235 1.14 5.69 -29.65
CA TYR B 235 0.25 4.99 -28.73
C TYR B 235 -0.46 3.90 -29.51
N VAL B 236 -0.05 2.65 -29.30
CA VAL B 236 -0.43 1.54 -30.16
C VAL B 236 -1.38 0.60 -29.41
N ASP B 237 -2.44 0.19 -30.10
CA ASP B 237 -3.32 -0.87 -29.60
C ASP B 237 -2.58 -2.19 -29.74
N PRO B 238 -2.30 -2.90 -28.64
CA PRO B 238 -1.48 -4.12 -28.76
C PRO B 238 -2.14 -5.24 -29.54
N ASP B 239 -3.48 -5.30 -29.59
CA ASP B 239 -4.14 -6.38 -30.31
C ASP B 239 -4.03 -6.18 -31.82
N THR B 240 -4.41 -5.00 -32.32
CA THR B 240 -4.39 -4.72 -33.75
C THR B 240 -3.04 -4.19 -34.22
N GLY B 241 -2.35 -3.40 -33.40
CA GLY B 241 -1.14 -2.72 -33.80
C GLY B 241 -1.34 -1.37 -34.45
N ARG B 242 -2.58 -0.88 -34.51
CA ARG B 242 -2.85 0.40 -35.16
C ARG B 242 -2.36 1.56 -34.30
N ASN B 243 -1.81 2.57 -34.97
CA ASN B 243 -1.37 3.78 -34.27
C ASN B 243 -2.58 4.61 -33.89
N LEU B 244 -2.76 4.85 -32.60
CA LEU B 244 -3.89 5.62 -32.10
C LEU B 244 -3.55 7.09 -31.85
N GLY B 245 -2.27 7.48 -31.93
CA GLY B 245 -1.90 8.86 -31.72
C GLY B 245 -0.42 9.09 -31.58
N GLU B 246 0.06 10.24 -32.06
CA GLU B 246 1.46 10.63 -31.94
C GLU B 246 1.70 11.35 -30.62
N PHE B 247 2.83 11.04 -29.99
CA PHE B 247 3.19 11.64 -28.71
C PHE B 247 4.68 11.97 -28.74
N LYS B 248 5.07 12.92 -27.89
CA LYS B 248 6.47 13.29 -27.72
C LYS B 248 6.87 13.13 -26.27
N ALA B 249 8.03 12.52 -26.04
CA ALA B 249 8.61 12.38 -24.72
C ALA B 249 9.85 13.27 -24.65
N TYR B 250 9.89 14.15 -23.69
CA TYR B 250 11.01 15.08 -23.59
C TYR B 250 12.06 14.55 -22.62
N PRO B 251 13.33 14.92 -22.81
CA PRO B 251 14.40 14.36 -21.96
C PRO B 251 14.17 14.51 -20.47
N ASP B 252 13.51 15.59 -20.03
CA ASP B 252 13.30 15.78 -18.61
C ASP B 252 12.34 14.76 -18.00
N GLY B 253 11.58 14.05 -18.83
CA GLY B 253 10.78 12.94 -18.35
C GLY B 253 9.28 13.18 -18.29
N PHE B 254 8.70 13.66 -19.38
CA PHE B 254 7.26 13.85 -19.46
C PHE B 254 6.82 13.70 -20.89
N LEU B 255 5.52 13.47 -21.07
CA LEU B 255 4.93 13.26 -22.39
C LEU B 255 4.00 14.41 -22.73
N THR B 256 3.94 14.75 -24.01
CA THR B 256 3.05 15.78 -24.52
C THR B 256 2.31 15.26 -25.75
N CYS B 257 1.26 15.98 -26.12
CA CYS B 257 0.49 15.69 -27.32
C CYS B 257 -0.30 16.93 -27.70
N VAL B 258 -0.89 16.88 -28.88
CA VAL B 258 -1.76 17.95 -29.37
C VAL B 258 -3.19 17.38 -29.44
N PRO B 259 -4.12 17.87 -28.62
CA PRO B 259 -5.48 17.34 -28.69
C PRO B 259 -6.22 17.85 -29.93
N ASN B 260 -7.19 17.06 -30.36
CA ASN B 260 -7.98 17.40 -31.54
C ASN B 260 -8.88 18.60 -31.27
N SER B 263 -13.45 18.11 -28.32
CA SER B 263 -14.04 17.29 -27.26
C SER B 263 -13.42 15.91 -27.22
N SER B 264 -13.18 15.34 -28.40
CA SER B 264 -12.56 14.03 -28.52
C SER B 264 -11.04 14.19 -28.58
N GLY B 265 -10.35 13.66 -27.58
CA GLY B 265 -8.92 13.79 -27.50
C GLY B 265 -8.27 12.69 -26.66
N PRO B 266 -7.20 13.05 -25.95
CA PRO B 266 -6.47 12.03 -25.18
C PRO B 266 -7.28 11.42 -24.06
N GLN B 267 -8.17 12.20 -23.44
CA GLN B 267 -9.00 11.65 -22.36
C GLN B 267 -9.97 10.60 -22.89
N GLN B 268 -10.26 10.61 -24.19
CA GLN B 268 -11.09 9.60 -24.83
C GLN B 268 -10.30 8.42 -25.36
N LEU B 269 -8.96 8.45 -25.23
CA LEU B 269 -8.15 7.34 -25.70
C LEU B 269 -8.35 6.13 -24.80
N PRO B 270 -8.27 4.92 -25.36
CA PRO B 270 -8.33 3.72 -24.53
C PRO B 270 -7.09 3.60 -23.65
N ILE B 271 -7.25 2.88 -22.54
CA ILE B 271 -6.20 2.76 -21.54
C ILE B 271 -5.42 1.46 -21.66
N ASN B 272 -5.76 0.60 -22.62
CA ASN B 272 -5.07 -0.66 -22.81
C ASN B 272 -4.00 -0.60 -23.91
N GLY B 273 -3.55 0.62 -24.25
CA GLY B 273 -2.54 0.77 -25.28
C GLY B 273 -1.12 0.77 -24.74
N VAL B 274 -0.17 0.74 -25.68
CA VAL B 274 1.26 0.67 -25.35
C VAL B 274 1.98 1.81 -26.08
N PHE B 275 2.84 2.51 -25.36
CA PHE B 275 3.66 3.56 -25.97
C PHE B 275 4.91 2.93 -26.57
N VAL B 276 5.17 3.24 -27.84
CA VAL B 276 6.28 2.65 -28.58
C VAL B 276 7.17 3.77 -29.11
N PHE B 277 8.47 3.65 -28.89
CA PHE B 277 9.43 4.62 -29.40
C PHE B 277 9.57 4.46 -30.91
N VAL B 278 9.48 5.58 -31.63
CA VAL B 278 9.58 5.56 -33.09
C VAL B 278 10.94 6.06 -33.54
N SER B 279 11.29 7.30 -33.16
CA SER B 279 12.58 7.86 -33.54
C SER B 279 12.83 9.11 -32.73
N TRP B 280 14.09 9.56 -32.73
CA TRP B 280 14.46 10.83 -32.15
C TRP B 280 14.11 11.95 -33.11
N VAL B 281 13.47 13.00 -32.59
CA VAL B 281 13.05 14.15 -33.40
C VAL B 281 13.48 15.42 -32.69
N SER B 282 13.33 16.54 -33.40
CA SER B 282 13.64 17.84 -32.81
C SER B 282 12.58 18.21 -31.78
N ARG B 283 12.95 19.11 -30.87
CA ARG B 283 12.00 19.56 -29.85
C ARG B 283 10.80 20.24 -30.47
N PHE B 284 10.93 20.75 -31.69
CA PHE B 284 9.86 21.48 -32.37
C PHE B 284 9.14 20.64 -33.41
N TYR B 285 9.41 19.33 -33.46
CA TYR B 285 8.65 18.45 -34.35
C TYR B 285 7.16 18.61 -34.04
N GLN B 286 6.38 18.91 -35.07
CA GLN B 286 4.96 19.19 -34.91
C GLN B 286 4.17 17.89 -35.02
N LEU B 287 3.43 17.57 -33.97
CA LEU B 287 2.68 16.32 -33.91
C LEU B 287 1.34 16.44 -34.62
N LYS B 288 0.84 15.32 -35.10
CA LYS B 288 -0.52 15.30 -35.61
C LYS B 288 -1.50 15.17 -34.45
N PRO B 289 -2.60 15.94 -34.47
CA PRO B 289 -3.56 15.87 -33.37
C PRO B 289 -4.15 14.48 -33.21
N VAL B 290 -4.42 14.11 -31.96
CA VAL B 290 -4.94 12.79 -31.64
C VAL B 290 -6.39 12.62 -32.09
N GLN C 1 -10.57 -36.96 -2.25
CA GLN C 1 -11.13 -35.84 -1.51
C GLN C 1 -11.20 -36.12 -0.01
N VAL C 2 -11.12 -35.05 0.78
CA VAL C 2 -11.24 -35.17 2.22
C VAL C 2 -12.68 -35.49 2.59
N GLN C 3 -12.85 -36.50 3.45
CA GLN C 3 -14.18 -36.90 3.90
C GLN C 3 -14.18 -37.16 5.39
N LEU C 4 -15.25 -36.75 6.04
CA LEU C 4 -15.47 -36.98 7.47
C LEU C 4 -16.76 -37.76 7.60
N GLN C 5 -16.67 -38.97 8.15
CA GLN C 5 -17.83 -39.85 8.28
C GLN C 5 -18.16 -40.00 9.76
N GLU C 6 -19.38 -39.65 10.13
CA GLU C 6 -19.85 -39.71 11.50
C GLU C 6 -20.73 -40.93 11.73
N SER C 7 -20.66 -41.47 12.95
CA SER C 7 -21.54 -42.55 13.39
C SER C 7 -22.00 -42.25 14.81
N GLY C 8 -23.09 -42.90 15.21
CA GLY C 8 -23.65 -42.70 16.53
C GLY C 8 -24.86 -41.78 16.53
N GLY C 9 -25.13 -41.21 17.69
CA GLY C 9 -26.26 -40.31 17.83
C GLY C 9 -27.56 -41.06 18.02
N GLY C 10 -28.65 -40.30 17.95
CA GLY C 10 -29.97 -40.88 18.08
C GLY C 10 -30.79 -40.32 19.23
N LEU C 11 -31.80 -41.08 19.65
CA LEU C 11 -32.73 -40.67 20.69
C LEU C 11 -32.34 -41.32 22.02
N VAL C 12 -32.50 -40.57 23.11
CA VAL C 12 -32.17 -41.06 24.44
C VAL C 12 -33.00 -40.28 25.46
N GLN C 13 -33.38 -40.96 26.53
CA GLN C 13 -34.10 -40.31 27.62
C GLN C 13 -33.15 -39.41 28.42
N ALA C 14 -33.73 -38.40 29.07
CA ALA C 14 -32.94 -37.48 29.88
C ALA C 14 -32.19 -38.23 30.97
N GLY C 15 -30.90 -37.93 31.12
CA GLY C 15 -30.05 -38.65 32.02
C GLY C 15 -29.26 -39.78 31.38
N GLY C 16 -29.62 -40.18 30.17
CA GLY C 16 -28.95 -41.27 29.48
C GLY C 16 -27.64 -40.83 28.84
N SER C 17 -27.06 -41.76 28.08
CA SER C 17 -25.76 -41.56 27.46
C SER C 17 -25.81 -41.90 25.99
N LEU C 18 -24.95 -41.24 25.21
CA LEU C 18 -24.77 -41.52 23.80
C LEU C 18 -23.29 -41.38 23.45
N ARG C 19 -22.88 -42.08 22.40
CA ARG C 19 -21.51 -42.02 21.91
C ARG C 19 -21.50 -41.61 20.44
N LEU C 20 -20.60 -40.69 20.09
CA LEU C 20 -20.39 -40.26 18.71
C LEU C 20 -18.96 -40.58 18.28
N SER C 21 -18.81 -40.94 17.01
CA SER C 21 -17.49 -41.13 16.40
C SER C 21 -17.47 -40.47 15.04
N CYS C 22 -16.26 -40.10 14.58
CA CYS C 22 -16.12 -39.52 13.25
C CYS C 22 -14.72 -39.84 12.74
N ALA C 23 -14.64 -40.46 11.57
CA ALA C 23 -13.40 -40.88 10.96
C ALA C 23 -13.03 -39.96 9.79
N ALA C 24 -11.74 -39.64 9.68
CA ALA C 24 -11.23 -38.78 8.63
C ALA C 24 -10.52 -39.62 7.57
N SER C 25 -10.92 -39.43 6.31
CA SER C 25 -10.36 -40.17 5.19
C SER C 25 -10.12 -39.23 4.01
N GLY C 26 -9.35 -39.72 3.04
CA GLY C 26 -9.02 -38.99 1.85
C GLY C 26 -7.53 -38.69 1.76
N ARG C 27 -7.13 -38.14 0.62
CA ARG C 27 -5.73 -37.79 0.42
C ARG C 27 -5.43 -36.49 1.16
N MET C 28 -4.46 -36.53 2.06
CA MET C 28 -4.09 -35.36 2.84
C MET C 28 -2.63 -35.51 3.25
N PHE C 29 -2.06 -34.40 3.72
CA PHE C 29 -0.67 -34.38 4.16
C PHE C 29 -0.51 -34.32 5.67
N SER C 30 -1.43 -33.65 6.37
CA SER C 30 -1.34 -33.51 7.81
C SER C 30 -2.73 -33.21 8.36
N ILE C 31 -2.94 -33.57 9.61
CA ILE C 31 -4.21 -33.34 10.28
C ILE C 31 -3.92 -32.82 11.69
N ASN C 32 -4.52 -31.69 12.04
CA ASN C 32 -4.30 -31.11 13.36
C ASN C 32 -5.39 -31.55 14.33
N SER C 33 -6.09 -30.59 14.92
CA SER C 33 -7.13 -30.89 15.90
C SER C 33 -8.40 -31.40 15.25
N MET C 34 -9.12 -32.21 15.99
CA MET C 34 -10.43 -32.70 15.60
C MET C 34 -11.38 -32.38 16.74
N GLY C 35 -12.66 -32.21 16.44
CA GLY C 35 -13.56 -31.83 17.51
C GLY C 35 -15.01 -32.01 17.11
N TRP C 36 -15.88 -31.65 18.04
CA TRP C 36 -17.33 -31.78 17.87
C TRP C 36 -17.99 -30.43 18.10
N TYR C 37 -18.93 -30.10 17.22
CA TYR C 37 -19.71 -28.88 17.31
C TYR C 37 -21.19 -29.28 17.22
N ARG C 38 -22.05 -28.39 17.69
CA ARG C 38 -23.48 -28.69 17.66
C ARG C 38 -24.26 -27.42 17.32
N GLN C 39 -25.42 -27.62 16.70
CA GLN C 39 -26.27 -26.52 16.28
C GLN C 39 -27.73 -26.95 16.35
N ALA C 40 -28.52 -26.29 17.19
CA ALA C 40 -29.95 -26.52 17.21
C ALA C 40 -30.64 -25.53 16.29
N PRO C 41 -31.84 -25.85 15.82
CA PRO C 41 -32.55 -24.90 14.94
C PRO C 41 -32.83 -23.58 15.64
N GLY C 42 -32.48 -22.49 14.96
CA GLY C 42 -32.66 -21.16 15.51
C GLY C 42 -31.51 -20.64 16.36
N LYS C 43 -30.42 -21.40 16.45
CA LYS C 43 -29.23 -20.98 17.18
C LYS C 43 -28.02 -21.14 16.26
N GLU C 44 -26.87 -20.69 16.75
CA GLU C 44 -25.64 -20.80 15.97
C GLU C 44 -24.86 -22.04 16.39
N ARG C 45 -23.92 -22.43 15.55
CA ARG C 45 -23.06 -23.55 15.85
C ARG C 45 -22.09 -23.18 16.96
N GLU C 46 -22.00 -24.03 17.98
CA GLU C 46 -21.13 -23.77 19.12
C GLU C 46 -20.20 -24.95 19.36
N LEU C 47 -19.07 -24.68 19.97
CA LEU C 47 -18.08 -25.71 20.23
C LEU C 47 -18.54 -26.61 21.38
N VAL C 48 -18.29 -27.91 21.23
CA VAL C 48 -18.58 -28.91 22.25
C VAL C 48 -17.30 -29.44 22.88
N ALA C 49 -16.40 -29.97 22.06
CA ALA C 49 -15.14 -30.50 22.57
C ALA C 49 -14.12 -30.52 21.45
N THR C 50 -12.86 -30.37 21.82
CA THR C 50 -11.75 -30.41 20.88
C THR C 50 -10.63 -31.26 21.48
N ILE C 51 -9.90 -31.95 20.62
CA ILE C 51 -8.75 -32.75 21.03
C ILE C 51 -7.63 -32.54 20.03
N SER C 52 -6.42 -32.30 20.52
CA SER C 52 -5.28 -32.01 19.67
C SER C 52 -4.63 -33.33 19.22
N GLU C 53 -3.62 -33.20 18.35
CA GLU C 53 -2.85 -34.37 17.96
C GLU C 53 -2.09 -34.96 19.14
N ALA C 54 -1.64 -34.10 20.06
CA ALA C 54 -0.99 -34.60 21.27
C ALA C 54 -1.98 -35.19 22.25
N GLY C 55 -3.21 -34.66 22.28
CA GLY C 55 -4.21 -35.14 23.21
C GLY C 55 -4.72 -34.08 24.15
N THR C 56 -4.37 -32.83 23.89
CA THR C 56 -4.83 -31.73 24.73
C THR C 56 -6.28 -31.40 24.38
N THR C 57 -7.11 -31.26 25.40
CA THR C 57 -8.55 -31.17 25.23
C THR C 57 -9.08 -29.79 25.62
N THR C 58 -10.15 -29.38 24.95
CA THR C 58 -10.91 -28.19 25.30
C THR C 58 -12.39 -28.56 25.36
N TYR C 59 -13.08 -28.07 26.39
CA TYR C 59 -14.49 -28.38 26.60
C TYR C 59 -15.28 -27.09 26.79
N ALA C 60 -16.51 -27.10 26.28
CA ALA C 60 -17.45 -26.03 26.59
C ALA C 60 -17.87 -26.11 28.05
N ASP C 61 -18.07 -24.95 28.67
CA ASP C 61 -18.42 -24.91 30.09
C ASP C 61 -19.71 -25.69 30.37
N SER C 62 -20.65 -25.68 29.42
CA SER C 62 -21.92 -26.35 29.63
C SER C 62 -21.80 -27.88 29.60
N VAL C 63 -20.68 -28.42 29.13
CA VAL C 63 -20.53 -29.86 29.00
C VAL C 63 -19.35 -30.41 29.79
N ARG C 64 -18.63 -29.54 30.51
CA ARG C 64 -17.48 -29.99 31.30
C ARG C 64 -17.92 -30.97 32.38
N GLY C 65 -17.27 -32.12 32.42
CA GLY C 65 -17.61 -33.14 33.40
C GLY C 65 -18.52 -34.21 32.84
N ARG C 66 -19.49 -33.79 32.04
CA ARG C 66 -20.44 -34.74 31.46
C ARG C 66 -19.90 -35.38 30.19
N PHE C 67 -19.28 -34.59 29.31
CA PHE C 67 -18.79 -35.10 28.05
C PHE C 67 -17.33 -35.50 28.14
N THR C 68 -16.93 -36.44 27.28
CA THR C 68 -15.56 -36.92 27.21
C THR C 68 -15.18 -37.11 25.76
N ILE C 69 -14.11 -36.45 25.34
CA ILE C 69 -13.60 -36.54 23.98
C ILE C 69 -12.35 -37.41 23.96
N ALA C 70 -12.27 -38.28 22.96
CA ALA C 70 -11.12 -39.16 22.80
C ALA C 70 -10.73 -39.18 21.33
N ARG C 71 -9.51 -39.65 21.06
CA ARG C 71 -8.99 -39.63 19.70
C ARG C 71 -8.01 -40.77 19.50
N ASP C 72 -8.14 -41.45 18.36
CA ASP C 72 -7.21 -42.50 17.94
C ASP C 72 -6.37 -41.91 16.80
N ASN C 73 -5.19 -41.40 17.17
CA ASN C 73 -4.33 -40.72 16.21
C ASN C 73 -3.98 -41.63 15.04
N ALA C 74 -3.78 -42.92 15.31
CA ALA C 74 -3.37 -43.85 14.24
C ALA C 74 -4.49 -44.06 13.23
N LYS C 75 -5.75 -43.86 13.61
CA LYS C 75 -6.87 -44.04 12.73
C LYS C 75 -7.53 -42.73 12.32
N ASN C 76 -7.01 -41.59 12.79
CA ASN C 76 -7.57 -40.27 12.50
C ASN C 76 -9.07 -40.25 12.79
N THR C 77 -9.44 -40.73 13.97
CA THR C 77 -10.84 -40.83 14.37
C THR C 77 -11.02 -40.18 15.74
N VAL C 78 -12.05 -39.36 15.86
CA VAL C 78 -12.38 -38.67 17.10
C VAL C 78 -13.66 -39.28 17.68
N TYR C 79 -13.69 -39.40 19.00
CA TYR C 79 -14.80 -40.02 19.70
C TYR C 79 -15.34 -39.07 20.75
N LEU C 80 -16.67 -39.09 20.94
CA LEU C 80 -17.34 -38.26 21.93
C LEU C 80 -18.33 -39.11 22.72
N GLN C 81 -18.10 -39.20 24.04
CA GLN C 81 -19.03 -39.86 24.96
C GLN C 81 -19.77 -38.79 25.75
N MET C 82 -21.09 -38.75 25.59
CA MET C 82 -21.94 -37.77 26.28
C MET C 82 -22.70 -38.48 27.37
N ASN C 83 -22.52 -38.03 28.62
CA ASN C 83 -23.20 -38.60 29.77
C ASN C 83 -24.05 -37.52 30.44
N SER C 84 -25.00 -37.96 31.25
CA SER C 84 -25.90 -37.08 31.99
C SER C 84 -26.55 -36.04 31.08
N LEU C 85 -27.13 -36.54 29.99
CA LEU C 85 -27.71 -35.67 28.98
C LEU C 85 -28.99 -35.01 29.47
N ASN C 86 -29.22 -33.78 29.00
CA ASN C 86 -30.43 -33.04 29.30
C ASN C 86 -31.15 -32.80 27.98
N PRO C 87 -32.40 -32.34 28.02
CA PRO C 87 -33.11 -32.02 26.76
C PRO C 87 -32.55 -30.81 26.04
N GLU C 88 -31.74 -30.01 26.72
CA GLU C 88 -31.10 -28.85 26.08
C GLU C 88 -29.89 -29.25 25.26
N ASP C 89 -29.44 -30.50 25.37
CA ASP C 89 -28.36 -31.02 24.55
C ASP C 89 -28.84 -31.45 23.17
N THR C 90 -30.15 -31.36 22.91
CA THR C 90 -30.70 -31.75 21.63
C THR C 90 -30.25 -30.79 20.54
N ALA C 91 -29.49 -31.30 19.57
CA ALA C 91 -28.97 -30.51 18.46
C ALA C 91 -28.44 -31.47 17.40
N VAL C 92 -27.96 -30.90 16.30
CA VAL C 92 -27.25 -31.65 15.27
C VAL C 92 -25.76 -31.51 15.57
N TYR C 93 -25.08 -32.63 15.74
CA TYR C 93 -23.66 -32.62 16.09
C TYR C 93 -22.82 -32.84 14.84
N TYR C 94 -21.76 -32.05 14.71
CA TYR C 94 -20.88 -32.08 13.55
C TYR C 94 -19.46 -32.32 14.02
N CYS C 95 -18.77 -33.27 13.39
CA CYS C 95 -17.34 -33.42 13.64
C CYS C 95 -16.58 -32.44 12.76
N ASN C 96 -15.41 -32.02 13.25
CA ASN C 96 -14.62 -31.01 12.59
C ASN C 96 -13.15 -31.39 12.65
N ALA C 97 -12.42 -31.07 11.58
CA ALA C 97 -11.00 -31.37 11.54
C ALA C 97 -10.27 -30.33 10.70
N TYR C 98 -9.07 -29.96 11.14
CA TYR C 98 -8.21 -29.03 10.42
C TYR C 98 -7.16 -29.87 9.69
N ILE C 99 -7.27 -29.90 8.36
CA ILE C 99 -6.46 -30.80 7.54
C ILE C 99 -5.60 -29.99 6.58
N GLN C 100 -4.34 -30.38 6.45
CA GLN C 100 -3.40 -29.81 5.50
C GLN C 100 -3.39 -30.68 4.25
N LEU C 101 -3.84 -30.12 3.13
CA LEU C 101 -3.92 -30.92 1.90
C LEU C 101 -2.54 -31.28 1.37
N ASP C 102 -1.60 -30.34 1.40
CA ASP C 102 -0.24 -30.60 0.94
C ASP C 102 0.75 -29.89 1.84
N SER C 103 2.02 -30.27 1.70
CA SER C 103 3.09 -29.63 2.45
C SER C 103 3.13 -28.13 2.18
N THR C 104 2.77 -27.70 0.97
CA THR C 104 2.89 -26.30 0.57
C THR C 104 1.72 -25.44 1.02
N ILE C 105 0.61 -26.05 1.45
CA ILE C 105 -0.64 -25.34 1.71
C ILE C 105 -0.91 -25.30 3.21
N TRP C 106 -1.62 -24.26 3.66
CA TRP C 106 -2.01 -24.15 5.05
C TRP C 106 -3.30 -24.93 5.33
N PHE C 107 -3.59 -25.12 6.61
CA PHE C 107 -4.73 -25.90 7.05
C PHE C 107 -6.06 -25.29 6.61
N ARG C 108 -7.09 -26.14 6.61
CA ARG C 108 -8.47 -25.76 6.33
C ARG C 108 -9.39 -26.58 7.23
N ALA C 109 -10.48 -25.95 7.67
CA ALA C 109 -11.47 -26.63 8.51
C ALA C 109 -12.46 -27.37 7.63
N TYR C 110 -12.69 -28.65 7.95
CA TYR C 110 -13.61 -29.49 7.21
C TYR C 110 -14.69 -30.00 8.15
N TRP C 111 -15.88 -30.27 7.60
CA TRP C 111 -17.03 -30.65 8.41
C TRP C 111 -17.65 -31.93 7.90
N GLY C 112 -18.28 -32.66 8.83
CA GLY C 112 -19.07 -33.82 8.51
C GLY C 112 -20.51 -33.45 8.19
N GLN C 113 -21.29 -34.47 7.78
CA GLN C 113 -22.66 -34.21 7.37
C GLN C 113 -23.57 -33.87 8.54
N GLY C 114 -23.22 -34.26 9.75
CA GLY C 114 -24.06 -33.93 10.89
C GLY C 114 -24.91 -35.09 11.40
N THR C 115 -24.88 -35.30 12.72
CA THR C 115 -25.62 -36.38 13.36
C THR C 115 -26.61 -35.77 14.36
N GLN C 116 -27.87 -36.18 14.25
CA GLN C 116 -28.90 -35.66 15.14
C GLN C 116 -28.85 -36.37 16.49
N VAL C 117 -28.91 -35.59 17.56
CA VAL C 117 -28.99 -36.09 18.92
C VAL C 117 -30.25 -35.51 19.54
N THR C 118 -31.16 -36.38 19.98
CA THR C 118 -32.43 -35.97 20.56
C THR C 118 -32.55 -36.56 21.95
N VAL C 119 -32.68 -35.70 22.96
CA VAL C 119 -32.85 -36.13 24.35
C VAL C 119 -34.26 -35.80 24.78
N SER C 120 -35.04 -36.82 25.13
CA SER C 120 -36.42 -36.62 25.54
C SER C 120 -36.48 -36.30 27.03
N SER C 121 -37.66 -35.91 27.50
CA SER C 121 -37.84 -35.61 28.92
C SER C 121 -39.09 -36.30 29.46
N GLN D 1 12.56 36.09 1.59
CA GLN D 1 11.77 35.15 2.37
C GLN D 1 10.42 35.74 2.73
N VAL D 2 9.42 34.88 2.88
CA VAL D 2 8.11 35.34 3.31
C VAL D 2 8.18 35.72 4.78
N GLN D 3 7.73 36.94 5.09
CA GLN D 3 7.78 37.45 6.45
C GLN D 3 6.50 38.21 6.78
N LEU D 4 6.06 38.07 8.03
CA LEU D 4 4.92 38.79 8.55
C LEU D 4 5.40 39.65 9.71
N GLN D 5 5.30 40.96 9.56
CA GLN D 5 5.72 41.90 10.60
C GLN D 5 4.50 42.61 11.17
N GLU D 6 4.34 42.53 12.48
CA GLU D 6 3.22 43.16 13.16
C GLU D 6 3.67 44.49 13.76
N SER D 7 2.74 45.42 13.84
CA SER D 7 2.96 46.70 14.49
C SER D 7 1.74 47.01 15.36
N GLY D 8 1.94 47.91 16.31
CA GLY D 8 0.89 48.28 17.24
C GLY D 8 1.05 47.60 18.58
N GLY D 9 -0.06 47.53 19.31
CA GLY D 9 -0.06 46.90 20.61
C GLY D 9 0.44 47.84 21.68
N GLY D 10 0.66 47.26 22.87
CA GLY D 10 1.16 48.02 23.99
C GLY D 10 0.23 48.02 25.18
N LEU D 11 0.39 48.98 26.07
CA LEU D 11 -0.42 49.07 27.28
C LEU D 11 -1.54 50.08 27.09
N VAL D 12 -2.71 49.79 27.66
CA VAL D 12 -3.87 50.66 27.57
C VAL D 12 -4.77 50.39 28.76
N GLN D 13 -5.43 51.45 29.24
CA GLN D 13 -6.38 51.30 30.33
C GLN D 13 -7.65 50.62 29.82
N ALA D 14 -8.35 49.96 30.75
CA ALA D 14 -9.59 49.27 30.40
C ALA D 14 -10.61 50.26 29.85
N GLY D 15 -11.24 49.88 28.73
CA GLY D 15 -12.14 50.76 28.02
C GLY D 15 -11.50 51.50 26.86
N GLY D 16 -10.17 51.53 26.79
CA GLY D 16 -9.47 52.24 25.75
C GLY D 16 -9.43 51.43 24.46
N SER D 17 -8.68 51.95 23.49
CA SER D 17 -8.60 51.37 22.16
C SER D 17 -7.15 51.19 21.74
N LEU D 18 -6.92 50.17 20.92
CA LEU D 18 -5.63 49.93 20.29
C LEU D 18 -5.86 49.40 18.88
N ARG D 19 -4.89 49.62 18.01
CA ARG D 19 -4.94 49.13 16.64
C ARG D 19 -3.71 48.28 16.36
N LEU D 20 -3.93 47.15 15.69
CA LEU D 20 -2.86 46.27 15.25
C LEU D 20 -2.82 46.25 13.73
N SER D 21 -1.61 46.12 13.20
CA SER D 21 -1.39 45.97 11.78
C SER D 21 -0.42 44.81 11.56
N CYS D 22 -0.45 44.27 10.34
CA CYS D 22 0.39 43.14 9.97
C CYS D 22 0.73 43.26 8.49
N ALA D 23 2.01 43.35 8.17
CA ALA D 23 2.47 43.51 6.80
C ALA D 23 3.07 42.20 6.31
N ALA D 24 2.70 41.81 5.09
CA ALA D 24 3.20 40.60 4.45
C ALA D 24 4.18 41.00 3.36
N SER D 25 5.38 40.43 3.40
CA SER D 25 6.40 40.74 2.41
C SER D 25 7.11 39.47 1.99
N GLY D 26 7.82 39.56 0.87
CA GLY D 26 8.57 38.44 0.33
C GLY D 26 7.99 37.98 -1.00
N ARG D 27 8.74 37.07 -1.63
CA ARG D 27 8.33 36.50 -2.90
C ARG D 27 7.25 35.44 -2.66
N MET D 28 6.09 35.63 -3.28
CA MET D 28 4.97 34.73 -3.09
C MET D 28 4.07 34.81 -4.32
N PHE D 29 3.14 33.84 -4.42
CA PHE D 29 2.22 33.78 -5.54
C PHE D 29 0.80 34.17 -5.17
N SER D 30 0.35 33.87 -3.96
CA SER D 30 -1.01 34.18 -3.55
C SER D 30 -1.08 34.20 -2.03
N ILE D 31 -2.09 34.90 -1.52
CA ILE D 31 -2.38 34.98 -0.10
C ILE D 31 -3.86 34.74 0.07
N ASN D 32 -4.23 33.78 0.91
CA ASN D 32 -5.63 33.48 1.12
C ASN D 32 -6.14 34.27 2.31
N SER D 33 -6.65 33.59 3.33
CA SER D 33 -7.19 34.30 4.48
C SER D 33 -6.08 34.83 5.36
N MET D 34 -6.37 35.94 6.03
CA MET D 34 -5.47 36.55 7.00
C MET D 34 -6.25 36.76 8.29
N GLY D 35 -5.54 36.74 9.41
CA GLY D 35 -6.29 36.84 10.64
C GLY D 35 -5.42 37.11 11.85
N TRP D 36 -6.09 37.20 13.00
CA TRP D 36 -5.45 37.50 14.27
C TRP D 36 -5.78 36.41 15.29
N TYR D 37 -4.76 35.99 16.01
CA TYR D 37 -4.90 34.99 17.06
C TYR D 37 -4.24 35.55 18.31
N ARG D 38 -4.63 35.02 19.47
CA ARG D 38 -4.07 35.49 20.73
C ARG D 38 -3.91 34.34 21.70
N GLN D 39 -3.01 34.55 22.67
CA GLN D 39 -2.73 33.57 23.70
C GLN D 39 -2.46 34.32 24.99
N ALA D 40 -3.33 34.11 25.98
CA ALA D 40 -3.21 34.67 27.31
C ALA D 40 -2.51 33.67 28.23
N PRO D 41 -1.93 34.14 29.34
CA PRO D 41 -1.25 33.22 30.25
C PRO D 41 -2.20 32.16 30.79
N GLY D 42 -1.79 30.90 30.68
CA GLY D 42 -2.57 29.78 31.14
C GLY D 42 -3.57 29.24 30.16
N LYS D 43 -3.61 29.76 28.92
CA LYS D 43 -4.52 29.27 27.90
C LYS D 43 -3.73 28.96 26.63
N GLU D 44 -4.44 28.41 25.65
CA GLU D 44 -3.89 28.08 24.35
C GLU D 44 -4.18 29.19 23.37
N ARG D 45 -3.50 29.14 22.22
CA ARG D 45 -3.73 30.13 21.18
C ARG D 45 -5.15 29.98 20.64
N GLU D 46 -5.89 31.08 20.59
CA GLU D 46 -7.28 31.07 20.19
C GLU D 46 -7.53 32.07 19.07
N LEU D 47 -8.58 31.80 18.29
CA LEU D 47 -8.94 32.64 17.17
C LEU D 47 -9.58 33.93 17.66
N VAL D 48 -9.21 35.04 17.04
CA VAL D 48 -9.79 36.35 17.32
C VAL D 48 -10.63 36.84 16.15
N ALA D 49 -10.01 36.97 14.97
CA ALA D 49 -10.70 37.38 13.76
C ALA D 49 -9.89 36.96 12.54
N THR D 50 -10.60 36.69 11.45
CA THR D 50 -10.01 36.36 10.16
C THR D 50 -10.74 37.11 9.06
N ILE D 51 -10.02 37.44 8.00
CA ILE D 51 -10.57 38.11 6.82
C ILE D 51 -10.02 37.45 5.57
N SER D 52 -10.89 37.18 4.62
CA SER D 52 -10.50 36.51 3.39
C SER D 52 -10.02 37.53 2.37
N GLU D 53 -9.55 37.04 1.21
CA GLU D 53 -9.18 37.93 0.13
C GLU D 53 -10.41 38.65 -0.43
N ALA D 54 -11.57 38.01 -0.41
CA ALA D 54 -12.79 38.66 -0.88
C ALA D 54 -13.30 39.69 0.12
N GLY D 55 -13.11 39.46 1.41
CA GLY D 55 -13.59 40.41 2.40
C GLY D 55 -14.58 39.83 3.39
N THR D 56 -14.76 38.51 3.40
CA THR D 56 -15.66 37.86 4.34
C THR D 56 -14.99 37.74 5.71
N THR D 57 -15.74 38.08 6.77
CA THR D 57 -15.18 38.20 8.10
C THR D 57 -15.66 37.07 9.00
N THR D 58 -14.80 36.67 9.92
CA THR D 58 -15.16 35.76 11.00
C THR D 58 -14.64 36.36 12.29
N TYR D 59 -15.48 36.34 13.33
CA TYR D 59 -15.10 36.90 14.63
C TYR D 59 -15.36 35.89 15.71
N ALA D 60 -14.48 35.86 16.71
CA ALA D 60 -14.74 35.09 17.91
C ALA D 60 -15.88 35.74 18.69
N ASP D 61 -16.71 34.90 19.31
CA ASP D 61 -17.86 35.40 20.06
C ASP D 61 -17.42 36.39 21.15
N SER D 62 -16.22 36.21 21.70
CA SER D 62 -15.76 37.05 22.80
C SER D 62 -15.43 38.48 22.37
N VAL D 63 -15.27 38.75 21.07
CA VAL D 63 -14.90 40.08 20.59
C VAL D 63 -15.92 40.67 19.63
N ARG D 64 -17.02 39.97 19.37
CA ARG D 64 -18.01 40.48 18.42
C ARG D 64 -18.56 41.82 18.89
N GLY D 65 -18.52 42.82 18.00
CA GLY D 65 -19.00 44.15 18.31
C GLY D 65 -17.89 45.11 18.68
N ARG D 66 -16.91 44.64 19.45
CA ARG D 66 -15.81 45.50 19.89
C ARG D 66 -14.66 45.55 18.87
N PHE D 67 -14.25 44.39 18.35
CA PHE D 67 -13.12 44.33 17.44
C PHE D 67 -13.60 44.39 15.99
N THR D 68 -12.73 44.90 15.11
CA THR D 68 -13.03 44.99 13.70
C THR D 68 -11.80 44.64 12.89
N ILE D 69 -11.95 43.70 11.96
CA ILE D 69 -10.85 43.26 11.10
C ILE D 69 -11.02 43.89 9.72
N ALA D 70 -9.92 44.41 9.18
CA ALA D 70 -9.90 45.01 7.85
C ALA D 70 -8.64 44.60 7.12
N ARG D 71 -8.66 44.76 5.80
CA ARG D 71 -7.54 44.35 4.97
C ARG D 71 -7.49 45.23 3.73
N ASP D 72 -6.27 45.67 3.38
CA ASP D 72 -6.00 46.40 2.14
C ASP D 72 -5.23 45.44 1.23
N ASN D 73 -5.96 44.77 0.32
CA ASN D 73 -5.36 43.76 -0.53
C ASN D 73 -4.18 44.30 -1.33
N ALA D 74 -4.24 45.58 -1.73
CA ALA D 74 -3.17 46.14 -2.55
C ALA D 74 -1.85 46.22 -1.79
N LYS D 75 -1.90 46.28 -0.46
CA LYS D 75 -0.70 46.34 0.36
C LYS D 75 -0.43 45.05 1.14
N ASN D 76 -1.30 44.04 0.99
CA ASN D 76 -1.18 42.78 1.71
C ASN D 76 -1.01 43.02 3.22
N THR D 77 -1.88 43.87 3.76
CA THR D 77 -1.84 44.24 5.16
C THR D 77 -3.22 44.04 5.77
N VAL D 78 -3.26 43.36 6.91
CA VAL D 78 -4.49 43.12 7.65
C VAL D 78 -4.44 43.97 8.92
N TYR D 79 -5.58 44.54 9.29
CA TYR D 79 -5.66 45.43 10.43
C TYR D 79 -6.71 44.91 11.40
N LEU D 80 -6.45 45.12 12.70
CA LEU D 80 -7.40 44.77 13.74
C LEU D 80 -7.57 46.00 14.62
N GLN D 81 -8.79 46.53 14.64
CA GLN D 81 -9.11 47.68 15.48
C GLN D 81 -9.83 47.17 16.71
N MET D 82 -9.21 47.35 17.87
CA MET D 82 -9.76 46.86 19.13
C MET D 82 -10.31 48.04 19.91
N ASN D 83 -11.61 48.00 20.19
CA ASN D 83 -12.28 49.01 20.98
C ASN D 83 -12.87 48.34 22.22
N SER D 84 -13.15 49.17 23.22
CA SER D 84 -13.74 48.70 24.48
C SER D 84 -12.98 47.51 25.06
N LEU D 85 -11.67 47.67 25.20
CA LEU D 85 -10.83 46.59 25.69
C LEU D 85 -11.03 46.40 27.19
N ASN D 86 -11.01 45.15 27.64
CA ASN D 86 -11.13 44.77 29.04
C ASN D 86 -9.92 43.93 29.48
N PRO D 87 -9.79 43.58 30.76
CA PRO D 87 -8.63 42.77 31.19
C PRO D 87 -8.60 41.35 30.64
N GLU D 88 -9.69 40.84 30.08
CA GLU D 88 -9.65 39.51 29.49
C GLU D 88 -9.02 39.52 28.11
N ASP D 89 -8.82 40.69 27.52
CA ASP D 89 -8.15 40.84 26.24
C ASP D 89 -6.64 40.83 26.34
N THR D 90 -6.08 40.80 27.55
CA THR D 90 -4.64 40.81 27.74
C THR D 90 -4.05 39.49 27.25
N ALA D 91 -3.22 39.56 26.21
CA ALA D 91 -2.61 38.37 25.63
C ALA D 91 -1.51 38.81 24.68
N VAL D 92 -0.84 37.82 24.09
CA VAL D 92 0.10 38.05 23.00
C VAL D 92 -0.66 37.80 21.69
N TYR D 93 -0.67 38.79 20.82
CA TYR D 93 -1.43 38.71 19.58
C TYR D 93 -0.51 38.33 18.42
N TYR D 94 -1.00 37.44 17.56
CA TYR D 94 -0.25 36.93 16.44
C TYR D 94 -1.02 37.17 15.14
N CYS D 95 -0.31 37.67 14.14
CA CYS D 95 -0.86 37.73 12.80
C CYS D 95 -0.68 36.38 12.14
N ASN D 96 -1.61 36.03 11.25
CA ASN D 96 -1.60 34.72 10.61
C ASN D 96 -2.02 34.89 9.15
N ALA D 97 -1.36 34.15 8.27
CA ALA D 97 -1.69 34.19 6.86
C ALA D 97 -1.37 32.86 6.20
N TYR D 98 -2.23 32.45 5.27
CA TYR D 98 -2.02 31.25 4.46
C TYR D 98 -1.54 31.72 3.09
N ILE D 99 -0.27 31.45 2.79
CA ILE D 99 0.39 32.00 1.62
C ILE D 99 0.84 30.89 0.69
N GLN D 100 0.64 31.10 -0.61
CA GLN D 100 1.13 30.21 -1.64
C GLN D 100 2.49 30.69 -2.11
N LEU D 101 3.53 29.88 -1.86
CA LEU D 101 4.87 30.29 -2.27
C LEU D 101 5.00 30.35 -3.78
N ASP D 102 4.43 29.38 -4.49
CA ASP D 102 4.51 29.37 -5.94
C ASP D 102 3.20 28.87 -6.52
N SER D 103 3.05 29.02 -7.84
CA SER D 103 1.85 28.52 -8.52
C SER D 103 1.62 27.03 -8.28
N THR D 104 2.69 26.26 -8.20
CA THR D 104 2.63 24.81 -8.14
C THR D 104 2.46 24.27 -6.73
N ILE D 105 2.63 25.11 -5.71
CA ILE D 105 2.71 24.67 -4.31
C ILE D 105 1.43 25.05 -3.59
N TRP D 106 1.08 24.25 -2.58
CA TRP D 106 -0.09 24.48 -1.75
C TRP D 106 0.22 25.49 -0.65
N PHE D 107 -0.85 25.99 -0.02
CA PHE D 107 -0.72 27.01 1.01
C PHE D 107 0.06 26.49 2.22
N ARG D 108 0.58 27.45 3.00
CA ARG D 108 1.28 27.20 4.24
C ARG D 108 0.92 28.31 5.21
N ALA D 109 0.81 27.97 6.49
CA ALA D 109 0.49 28.96 7.50
C ALA D 109 1.75 29.67 7.98
N TYR D 110 1.71 31.00 7.99
CA TYR D 110 2.81 31.81 8.45
C TYR D 110 2.34 32.68 9.60
N TRP D 111 3.25 33.01 10.50
CA TRP D 111 2.92 33.76 11.70
C TRP D 111 3.84 34.96 11.87
N GLY D 112 3.35 35.97 12.55
CA GLY D 112 4.17 37.10 12.93
C GLY D 112 4.87 36.84 14.25
N GLN D 113 5.74 37.77 14.63
CA GLN D 113 6.57 37.56 15.82
C GLN D 113 5.75 37.60 17.11
N GLY D 114 4.58 38.24 17.10
CA GLY D 114 3.76 38.32 18.30
C GLY D 114 3.83 39.69 18.95
N THR D 115 2.67 40.28 19.23
CA THR D 115 2.58 41.61 19.82
C THR D 115 1.85 41.52 21.15
N GLN D 116 2.45 42.08 22.20
CA GLN D 116 1.84 42.07 23.52
C GLN D 116 0.82 43.18 23.64
N VAL D 117 -0.36 42.84 24.16
CA VAL D 117 -1.40 43.81 24.48
C VAL D 117 -1.76 43.62 25.95
N THR D 118 -1.59 44.70 26.73
CA THR D 118 -1.81 44.65 28.17
C THR D 118 -2.84 45.70 28.55
N VAL D 119 -3.91 45.25 29.21
CA VAL D 119 -4.99 46.11 29.67
C VAL D 119 -4.87 46.26 31.17
N SER D 120 -4.84 47.51 31.64
CA SER D 120 -4.57 47.81 33.04
C SER D 120 -5.79 47.54 33.92
N SER D 121 -5.58 47.64 35.22
CA SER D 121 -6.61 47.37 36.22
C SER D 121 -6.66 48.49 37.25
C1 EDO E . -2.06 -5.87 -13.65
O1 EDO E . -0.74 -5.39 -13.38
C2 EDO E . -2.03 -6.81 -14.86
O2 EDO E . -1.26 -7.98 -14.54
C1 EDO F . 2.19 -3.77 3.75
O1 EDO F . 2.94 -3.27 4.86
C2 EDO F . 2.15 -5.29 3.82
O2 EDO F . 1.29 -5.79 2.78
C1 EDO G . -3.90 5.12 -1.77
O1 EDO G . -2.53 5.54 -1.66
C2 EDO G . -3.99 3.62 -1.57
O2 EDO G . -5.37 3.23 -1.49
C1 EDO H . 14.88 3.70 -4.02
O1 EDO H . 15.37 4.23 -5.26
C2 EDO H . 14.29 2.31 -4.24
O2 EDO H . 12.92 2.40 -4.64
#